data_2AER
#
_entry.id   2AER
#
_cell.length_a   69.900
_cell.length_b   81.200
_cell.length_c   125.900
_cell.angle_alpha   90.00
_cell.angle_beta   90.00
_cell.angle_gamma   90.00
#
_symmetry.space_group_name_H-M   'P 21 21 21'
#
loop_
_entity.id
_entity.type
_entity.pdbx_description
1 polymer 'Coagulation factor VII'
2 polymer 'Coagulation factor VII'
3 polymer 'Tissue factor'
4 non-polymer alpha-D-glucopyranose
5 non-polymer alpha-L-fucopyranose
6 non-polymer 'MAGNESIUM ION'
7 non-polymer 'CALCIUM ION'
8 non-polymer 'SODIUM ION'
9 non-polymer 'ZINC ION'
10 non-polymer 'CHLORIDE ION'
11 non-polymer BENZAMIDINE
12 water water
#
loop_
_entity_poly.entity_id
_entity_poly.type
_entity_poly.pdbx_seq_one_letter_code
_entity_poly.pdbx_strand_id
1 'polypeptide(L)'
;ANAFL(CGU)(CGU)LRPGSL(CGU)R(CGU)CK(CGU)(CGU)QCSF(CGU)(CGU)AR(CGU)IFKDA(CGU)RTKLF
WISYSDGDQCASSPCQNGGSCKDQLQSYICFCLPAFEGRNCETHKDDQLICVNENGGCEQYCSDHTGTKRSCRCHEGYSL
LADGVSCTPTVEYPCGKIPILE
;
L
2 'polypeptide(L)'
;IVGGKVCPKGECPWQVLLLVNGAQLCGGTLINTIWVVSAAHCFDKIKNWRNLIAVLGEHDLSEHDGDEQSRRVAQVIIPS
TYVPGTTNHDIALLRLHQPVVLTDHVVPLCLPERTFSERTLAFVRFSLVSGWGQLLDRGATALELMVLNVPRLMTQDCLQ
QSRKVGDSPNITEYMFCAGYSDGSKDSCKGDSGGPHATHYRGTWYLTGIVSWGQGCATVGHFGVYTRVSQYIEWLQKLMR
SEPRPGVLLRAPFP
;
H
3 'polypeptide(L)'
;ATVAAYNLTWKSTNFKTILEWEPKPVNQVYTVQISTKSGDWKSKCFYTTDTECDLTDEIVKDVKQTYLARVFSYPAGNVE
STGSAGEPLYENSPEFTPYLETNLGQPTIQSFEQVGTKVNVTVEDERTLVRRNNTFLSLRDVFGKDLIYTLYYWKSSSSG
KKTAKTNTNEFLIDVDKGENYCFSVQAVIPSRTVNRKSTDSPVECM
;
T
#
loop_
_chem_comp.id
_chem_comp.type
_chem_comp.name
_chem_comp.formula
BEN non-polymer BENZAMIDINE 'C7 H8 N2'
CA non-polymer 'CALCIUM ION' 'Ca 2'
CL non-polymer 'CHLORIDE ION' 'Cl -1'
FUC L-saccharide, alpha linking alpha-L-fucopyranose 'C6 H12 O5'
GLC D-saccharide, alpha linking alpha-D-glucopyranose 'C6 H12 O6'
MG non-polymer 'MAGNESIUM ION' 'Mg 2'
NA non-polymer 'SODIUM ION' 'Na 1'
ZN non-polymer 'ZINC ION' 'Zn 2'
#
# COMPACT_ATOMS: atom_id res chain seq x y z
N ALA A 1 11.01 -34.59 40.32
CA ALA A 1 10.91 -36.07 40.56
C ALA A 1 11.49 -36.47 41.93
N ASN A 2 10.88 -37.47 42.57
CA ASN A 2 11.33 -37.94 43.89
C ASN A 2 11.60 -39.47 43.95
N ALA A 3 12.81 -39.85 44.42
CA ALA A 3 13.23 -41.25 44.56
C ALA A 3 14.18 -41.38 45.79
N PHE A 4 13.56 -41.58 46.96
CA PHE A 4 14.19 -41.65 48.30
C PHE A 4 15.68 -41.43 48.64
N LEU A 5 16.61 -42.28 48.16
CA LEU A 5 18.03 -42.05 48.49
C LEU A 5 18.61 -40.79 47.84
N CGU A 6 18.00 -40.35 46.74
CA CGU A 6 18.42 -39.14 46.02
C CGU A 6 17.98 -37.89 46.77
O CGU A 6 18.58 -36.82 46.62
CB CGU A 6 17.79 -39.08 44.62
CG CGU A 6 18.47 -39.61 43.34
CD1 CGU A 6 19.85 -38.95 43.13
CD2 CGU A 6 17.55 -39.42 42.12
OE11 CGU A 6 19.92 -37.79 42.64
OE12 CGU A 6 20.87 -39.61 43.49
OE21 CGU A 6 17.18 -38.24 41.80
OE22 CGU A 6 17.19 -40.45 41.51
N CGU A 7 16.92 -38.04 47.56
CA CGU A 7 16.38 -36.93 48.35
C CGU A 7 17.21 -36.62 49.59
O CGU A 7 16.92 -35.68 50.34
CB CGU A 7 14.91 -37.21 48.70
CG CGU A 7 14.00 -37.46 47.48
CD1 CGU A 7 13.70 -36.16 46.70
CD2 CGU A 7 12.73 -38.23 47.90
OE11 CGU A 7 13.77 -36.18 45.45
OE12 CGU A 7 13.46 -35.11 47.35
OE21 CGU A 7 12.29 -39.12 47.15
OE22 CGU A 7 12.20 -37.97 49.02
N LEU A 8 18.25 -37.42 49.84
CA LEU A 8 19.14 -37.16 50.97
C LEU A 8 20.08 -36.05 50.52
N ARG A 9 20.36 -36.02 49.23
CA ARG A 9 21.22 -35.00 48.63
C ARG A 9 20.55 -33.64 48.80
N PRO A 10 21.31 -32.63 49.22
CA PRO A 10 20.78 -31.28 49.43
C PRO A 10 20.26 -30.58 48.16
N GLY A 11 19.22 -29.79 48.34
CA GLY A 11 18.59 -29.06 47.25
C GLY A 11 19.55 -28.43 46.25
N SER A 12 19.26 -28.63 44.97
CA SER A 12 20.06 -28.10 43.90
C SER A 12 19.17 -27.76 42.72
N LEU A 13 19.30 -26.54 42.20
CA LEU A 13 18.51 -26.15 41.04
C LEU A 13 18.87 -27.04 39.85
N CGU A 14 20.17 -27.23 39.61
CA CGU A 14 20.67 -28.04 38.49
C CGU A 14 20.14 -29.47 38.54
O CGU A 14 19.62 -29.98 37.55
CB CGU A 14 22.21 -28.05 38.50
CG CGU A 14 23.16 -28.27 37.29
CD1 CGU A 14 23.93 -29.59 37.39
CD2 CGU A 14 22.41 -28.25 35.96
OE11 CGU A 14 24.93 -29.74 36.66
OE12 CGU A 14 23.44 -30.57 38.01
OE21 CGU A 14 22.10 -27.14 35.47
OE22 CGU A 14 22.19 -29.35 35.39
N ARG A 15 20.18 -30.10 39.71
CA ARG A 15 19.75 -31.49 39.82
C ARG A 15 18.23 -31.69 39.83
N CGU A 16 17.53 -30.84 40.58
CA CGU A 16 16.08 -30.96 40.69
C CGU A 16 15.26 -30.36 39.56
O CGU A 16 14.20 -30.90 39.21
CB CGU A 16 15.60 -30.37 42.01
CG CGU A 16 16.04 -31.02 43.32
CD1 CGU A 16 15.63 -32.51 43.35
CD2 CGU A 16 15.47 -30.20 44.50
OE11 CGU A 16 14.41 -32.83 43.44
OE12 CGU A 16 16.53 -33.37 43.22
OE21 CGU A 16 14.25 -30.31 44.76
OE22 CGU A 16 16.22 -29.40 45.12
N CYS A 17 15.71 -29.23 39.05
CA CYS A 17 14.98 -28.51 38.00
C CYS A 17 15.57 -28.56 36.60
N LYS A 18 16.88 -28.50 36.48
CA LYS A 18 17.49 -28.53 35.15
C LYS A 18 17.69 -29.94 34.59
N CGU A 19 18.24 -30.82 35.41
CA CGU A 19 18.53 -32.21 35.11
C CGU A 19 17.27 -33.12 35.21
O CGU A 19 17.15 -34.12 34.51
CB CGU A 19 19.60 -32.67 36.11
CG CGU A 19 20.84 -33.54 35.89
CD1 CGU A 19 21.98 -32.71 35.24
CD2 CGU A 19 21.26 -34.08 37.26
OE11 CGU A 19 21.73 -31.83 34.38
OE12 CGU A 19 23.18 -32.87 35.61
OE21 CGU A 19 22.01 -33.38 37.98
OE22 CGU A 19 20.76 -35.18 37.64
N CGU A 20 16.33 -32.70 36.06
CA CGU A 20 15.05 -33.37 36.33
C CGU A 20 13.95 -32.30 36.18
O CGU A 20 14.24 -31.13 35.94
CB CGU A 20 15.06 -33.87 37.80
CG CGU A 20 15.10 -35.32 38.30
CD1 CGU A 20 15.96 -36.24 37.39
CD2 CGU A 20 15.46 -35.42 39.81
OE11 CGU A 20 15.36 -36.74 36.40
OE12 CGU A 20 17.16 -36.45 37.66
OE21 CGU A 20 14.51 -35.40 40.63
OE22 CGU A 20 16.65 -35.48 40.20
N GLN A 21 12.68 -32.70 36.30
CA GLN A 21 11.57 -31.74 36.22
C GLN A 21 11.06 -31.43 37.64
N CYS A 22 11.09 -30.17 38.05
CA CYS A 22 10.63 -29.81 39.39
C CYS A 22 9.25 -29.14 39.44
N SER A 23 8.68 -29.08 40.64
CA SER A 23 7.39 -28.48 40.90
C SER A 23 7.58 -27.03 41.36
N PHE A 24 6.51 -26.26 41.41
CA PHE A 24 6.64 -24.88 41.88
C PHE A 24 7.23 -24.78 43.29
N CGU A 25 6.78 -25.66 44.19
CA CGU A 25 7.27 -25.63 45.58
C CGU A 25 8.72 -26.04 45.73
O CGU A 25 9.43 -25.46 46.55
CB CGU A 25 6.37 -26.44 46.53
CG CGU A 25 6.80 -26.33 48.00
CD1 CGU A 25 5.90 -27.16 48.91
CD2 CGU A 25 6.81 -24.88 48.52
OE11 CGU A 25 6.31 -27.34 50.08
OE12 CGU A 25 4.85 -27.64 48.44
OE21 CGU A 25 7.52 -24.66 49.54
OE22 CGU A 25 6.10 -24.00 48.00
N CGU A 26 9.16 -27.04 44.98
CA CGU A 26 10.56 -27.46 45.05
C CGU A 26 11.40 -26.25 44.69
O CGU A 26 12.36 -25.93 45.38
CB CGU A 26 10.87 -28.60 44.07
CG CGU A 26 10.31 -29.98 44.36
CD1 CGU A 26 10.74 -30.94 43.25
CD2 CGU A 26 10.73 -30.47 45.77
OE11 CGU A 26 11.89 -31.45 43.24
OE12 CGU A 26 9.88 -31.17 42.37
OE21 CGU A 26 9.96 -30.25 46.73
OE22 CGU A 26 11.84 -31.04 45.92
N ALA A 27 10.98 -25.57 43.62
CA ALA A 27 11.67 -24.38 43.14
C ALA A 27 11.55 -23.27 44.16
N ARG A 28 10.36 -23.13 44.76
CA ARG A 28 10.11 -22.11 45.76
C ARG A 28 11.02 -22.29 46.96
N CGU A 29 11.29 -23.55 47.30
CA CGU A 29 12.14 -23.85 48.44
C CGU A 29 13.59 -23.50 48.13
O CGU A 29 14.34 -23.15 49.01
CB CGU A 29 11.97 -25.30 48.89
CG CGU A 29 10.58 -25.63 49.43
CD1 CGU A 29 10.27 -27.14 49.35
CD2 CGU A 29 10.40 -25.13 50.87
OE11 CGU A 29 9.18 -27.54 49.83
OE12 CGU A 29 11.12 -27.93 48.82
OE21 CGU A 29 9.34 -25.39 51.47
OE22 CGU A 29 11.35 -24.51 51.42
N ILE A 30 13.96 -23.57 46.86
CA ILE A 30 15.31 -23.23 46.45
C ILE A 30 15.47 -21.71 46.47
N PHE A 31 14.56 -21.02 45.80
CA PHE A 31 14.62 -19.56 45.72
C PHE A 31 14.14 -18.80 46.97
N LYS A 32 13.26 -19.43 47.74
CA LYS A 32 12.70 -18.85 48.97
C LYS A 32 11.75 -17.66 48.78
N ASP A 33 12.20 -16.59 48.13
CA ASP A 33 11.32 -15.42 47.89
C ASP A 33 10.38 -15.76 46.73
N ALA A 34 9.11 -15.44 46.92
CA ALA A 34 8.06 -15.71 45.92
C ALA A 34 8.30 -15.06 44.57
N CGU A 35 8.79 -13.82 44.58
CA CGU A 35 9.05 -13.08 43.35
C CGU A 35 10.25 -13.59 42.57
O CGU A 35 10.30 -13.47 41.35
CB CGU A 35 9.19 -11.59 43.67
CG CGU A 35 8.06 -11.10 44.59
CD1 CGU A 35 6.70 -11.08 43.85
CD2 CGU A 35 8.48 -9.78 45.28
OE11 CGU A 35 5.67 -11.45 44.47
OE12 CGU A 35 6.67 -10.76 42.63
OE21 CGU A 35 8.97 -9.88 46.43
OE22 CGU A 35 8.38 -8.68 44.68
N ARG A 36 11.22 -14.17 43.29
CA ARG A 36 12.41 -14.76 42.65
C ARG A 36 11.92 -16.05 41.97
N THR A 37 11.02 -16.75 42.65
CA THR A 37 10.46 -18.02 42.20
C THR A 37 9.56 -17.88 40.97
N LYS A 38 8.67 -16.90 41.01
CA LYS A 38 7.77 -16.68 39.90
C LYS A 38 8.53 -16.22 38.66
N LEU A 39 9.63 -15.52 38.90
CA LEU A 39 10.51 -15.01 37.84
C LEU A 39 11.13 -16.22 37.13
N PHE A 40 11.42 -17.25 37.92
CA PHE A 40 12.01 -18.48 37.42
C PHE A 40 10.99 -19.31 36.68
N TRP A 41 9.87 -19.53 37.37
CA TRP A 41 8.76 -20.35 36.89
C TRP A 41 8.08 -19.90 35.60
N ILE A 42 7.96 -18.59 35.37
CA ILE A 42 7.30 -18.10 34.15
C ILE A 42 7.87 -18.68 32.85
N SER A 43 9.20 -18.69 32.75
CA SER A 43 9.83 -19.24 31.57
C SER A 43 9.98 -20.75 31.64
N TYR A 44 10.25 -21.26 32.85
CA TYR A 44 10.43 -22.69 33.10
C TYR A 44 9.19 -23.54 32.84
N SER A 45 8.04 -23.03 33.25
CA SER A 45 6.75 -23.71 33.11
C SER A 45 6.08 -23.49 31.76
N ASP A 46 6.50 -22.41 31.08
CA ASP A 46 5.96 -22.01 29.79
C ASP A 46 6.03 -23.02 28.66
N GLY A 47 7.13 -23.76 28.61
CA GLY A 47 7.30 -24.75 27.58
C GLY A 47 7.89 -24.21 26.27
N ASP A 48 8.45 -25.14 25.49
CA ASP A 48 9.07 -24.81 24.23
C ASP A 48 8.06 -24.97 23.09
N GLN A 49 7.51 -23.84 22.64
CA GLN A 49 6.55 -23.82 21.57
C GLN A 49 7.17 -24.25 20.22
N CYS A 50 8.49 -24.29 20.16
CA CYS A 50 9.24 -24.69 18.96
C CYS A 50 9.45 -26.20 18.85
N ALA A 51 9.17 -26.93 19.93
CA ALA A 51 9.38 -28.38 20.00
C ALA A 51 8.78 -29.21 18.89
N SER A 52 7.67 -28.73 18.35
CA SER A 52 6.97 -29.40 17.27
C SER A 52 7.44 -28.98 15.88
N SER A 53 8.49 -28.15 15.86
CA SER A 53 9.05 -27.70 14.61
C SER A 53 7.99 -27.09 13.67
N PRO A 54 7.43 -25.92 14.03
CA PRO A 54 6.40 -25.22 13.25
C PRO A 54 6.92 -24.52 11.98
N CYS A 55 8.20 -24.12 11.98
CA CYS A 55 8.80 -23.42 10.86
C CYS A 55 9.17 -24.38 9.72
N GLN A 56 8.46 -24.22 8.62
CA GLN A 56 8.63 -25.00 7.42
C GLN A 56 9.68 -24.39 6.51
N ASN A 57 9.98 -25.13 5.45
CA ASN A 57 10.91 -24.72 4.39
C ASN A 57 12.31 -24.21 4.79
N GLY A 58 12.86 -24.88 5.79
CA GLY A 58 14.18 -24.56 6.29
C GLY A 58 14.26 -23.35 7.20
N GLY A 59 13.12 -22.99 7.78
CA GLY A 59 13.06 -21.85 8.68
C GLY A 59 13.63 -22.16 10.05
N SER A 60 13.76 -21.13 10.88
CA SER A 60 14.29 -21.30 12.23
C SER A 60 13.36 -20.74 13.27
N CYS A 61 13.06 -21.59 14.27
CA CYS A 61 12.16 -21.23 15.34
C CYS A 61 12.88 -20.65 16.54
N LYS A 62 12.33 -19.57 17.08
CA LYS A 62 12.88 -18.94 18.27
C LYS A 62 11.72 -18.87 19.23
N ASP A 63 11.87 -19.56 20.35
CA ASP A 63 10.82 -19.62 21.36
C ASP A 63 10.57 -18.30 22.07
N GLN A 64 9.31 -18.10 22.46
CA GLN A 64 8.85 -16.93 23.20
C GLN A 64 7.92 -17.46 24.30
N LEU A 65 7.34 -16.55 25.09
CA LEU A 65 6.38 -16.99 26.11
C LEU A 65 5.07 -17.29 25.38
N GLN A 66 4.62 -18.53 25.46
CA GLN A 66 3.38 -18.99 24.84
C GLN A 66 3.29 -18.76 23.31
N SER A 67 4.45 -18.61 22.70
CA SER A 67 4.55 -18.37 21.26
C SER A 67 5.95 -18.64 20.73
N TYR A 68 6.17 -18.33 19.46
CA TYR A 68 7.46 -18.53 18.80
C TYR A 68 7.51 -17.60 17.60
N ILE A 69 8.71 -17.38 17.07
CA ILE A 69 8.84 -16.59 15.86
C ILE A 69 9.68 -17.41 14.89
N CYS A 70 9.22 -17.48 13.65
CA CYS A 70 9.92 -18.19 12.58
C CYS A 70 10.75 -17.24 11.72
N PHE A 71 12.00 -17.63 11.50
CA PHE A 71 12.95 -16.88 10.68
C PHE A 71 13.02 -17.68 9.40
N CYS A 72 12.54 -17.10 8.30
CA CYS A 72 12.51 -17.82 7.03
C CYS A 72 13.67 -17.57 6.10
N LEU A 73 13.91 -18.55 5.22
CA LEU A 73 14.91 -18.42 4.17
C LEU A 73 14.30 -17.37 3.23
N PRO A 74 15.11 -16.69 2.43
CA PRO A 74 14.62 -15.64 1.52
C PRO A 74 13.43 -15.96 0.59
N ALA A 75 13.28 -17.22 0.17
CA ALA A 75 12.19 -17.57 -0.75
C ALA A 75 10.83 -17.84 -0.09
N PHE A 76 10.78 -17.67 1.22
CA PHE A 76 9.56 -17.96 1.95
C PHE A 76 9.14 -16.89 2.95
N GLU A 77 7.86 -16.92 3.27
CA GLU A 77 7.26 -16.03 4.25
C GLU A 77 6.08 -16.74 4.94
N GLY A 78 5.40 -16.02 5.81
CA GLY A 78 4.30 -16.58 6.57
C GLY A 78 4.77 -16.83 8.01
N ARG A 79 3.81 -17.02 8.93
CA ARG A 79 4.09 -17.31 10.33
C ARG A 79 4.98 -18.54 10.50
N ASN A 80 4.73 -19.54 9.66
CA ASN A 80 5.43 -20.81 9.68
C ASN A 80 6.27 -21.04 8.42
N CYS A 81 6.56 -19.95 7.70
CA CYS A 81 7.35 -20.02 6.47
C CYS A 81 6.72 -20.93 5.40
N GLU A 82 5.40 -21.09 5.50
CA GLU A 82 4.63 -21.94 4.59
C GLU A 82 4.42 -21.36 3.19
N THR A 83 4.52 -20.03 3.07
CA THR A 83 4.32 -19.35 1.79
C THR A 83 5.53 -19.32 0.86
N HIS A 84 5.39 -19.98 -0.29
CA HIS A 84 6.47 -20.01 -1.29
C HIS A 84 6.33 -18.77 -2.19
N LYS A 85 7.30 -17.86 -2.10
CA LYS A 85 7.28 -16.63 -2.92
C LYS A 85 7.33 -16.92 -4.43
N ASP A 86 7.91 -18.06 -4.81
CA ASP A 86 8.01 -18.44 -6.22
C ASP A 86 6.65 -18.83 -6.82
N ASP A 87 5.68 -19.13 -5.95
CA ASP A 87 4.35 -19.53 -6.40
C ASP A 87 3.37 -18.37 -6.36
N GLN A 88 3.89 -17.16 -6.31
CA GLN A 88 3.04 -15.98 -6.23
C GLN A 88 3.02 -15.13 -7.48
N LEU A 89 3.57 -15.64 -8.58
CA LEU A 89 3.63 -14.89 -9.82
C LEU A 89 2.28 -14.78 -10.54
N ILE A 90 1.36 -14.02 -9.95
CA ILE A 90 0.04 -13.82 -10.53
C ILE A 90 -0.18 -12.33 -10.75
N CYS A 91 -1.11 -11.97 -11.65
CA CYS A 91 -1.34 -10.59 -11.98
C CYS A 91 -1.70 -9.63 -10.84
N VAL A 92 -2.30 -10.14 -9.76
CA VAL A 92 -2.63 -9.26 -8.62
C VAL A 92 -1.44 -8.97 -7.71
N ASN A 93 -0.34 -9.67 -7.94
CA ASN A 93 0.89 -9.49 -7.18
C ASN A 93 1.82 -8.56 -7.96
N GLU A 94 1.70 -7.24 -7.75
CA GLU A 94 2.54 -6.26 -8.43
C GLU A 94 2.56 -6.44 -9.94
N ASN A 95 1.36 -6.61 -10.50
CA ASN A 95 1.14 -6.78 -11.94
C ASN A 95 1.85 -7.97 -12.54
N GLY A 96 2.07 -9.02 -11.76
CA GLY A 96 2.78 -10.17 -12.29
C GLY A 96 4.20 -9.84 -12.77
N GLY A 97 4.74 -8.69 -12.36
CA GLY A 97 6.06 -8.27 -12.80
C GLY A 97 6.07 -7.72 -14.21
N CYS A 98 4.89 -7.62 -14.83
CA CYS A 98 4.77 -7.08 -16.19
C CYS A 98 4.90 -5.56 -16.16
N GLU A 99 5.53 -5.00 -17.19
CA GLU A 99 5.70 -3.55 -17.27
C GLU A 99 4.38 -2.90 -17.62
N GLN A 100 3.66 -3.50 -18.57
CA GLN A 100 2.37 -3.01 -18.96
C GLN A 100 1.21 -3.97 -18.65
N TYR A 101 0.78 -4.79 -19.60
CA TYR A 101 -0.34 -5.68 -19.34
C TYR A 101 0.07 -7.06 -18.83
N CYS A 102 -0.76 -7.64 -17.97
CA CYS A 102 -0.54 -8.97 -17.39
C CYS A 102 -1.77 -9.83 -17.64
N SER A 103 -1.54 -11.09 -17.99
CA SER A 103 -2.63 -12.03 -18.23
C SER A 103 -2.39 -13.31 -17.45
N ASP A 104 -3.34 -13.67 -16.60
CA ASP A 104 -3.22 -14.89 -15.81
C ASP A 104 -3.60 -16.09 -16.67
N HIS A 105 -2.85 -17.16 -16.53
CA HIS A 105 -3.14 -18.39 -17.26
C HIS A 105 -3.01 -19.46 -16.18
N THR A 106 -4.15 -20.00 -15.78
CA THR A 106 -4.13 -21.04 -14.75
C THR A 106 -3.65 -22.36 -15.36
N GLY A 107 -2.86 -23.10 -14.59
CA GLY A 107 -2.32 -24.36 -15.08
C GLY A 107 -0.97 -24.16 -15.76
N THR A 108 -0.59 -22.91 -15.94
CA THR A 108 0.68 -22.57 -16.57
C THR A 108 1.10 -21.15 -16.17
N LYS A 109 2.20 -20.66 -16.72
CA LYS A 109 2.73 -19.33 -16.41
C LYS A 109 1.91 -18.13 -16.90
N ARG A 110 1.97 -17.03 -16.14
CA ARG A 110 1.27 -15.82 -16.56
C ARG A 110 2.09 -15.21 -17.71
N SER A 111 1.45 -14.38 -18.53
CA SER A 111 2.20 -13.74 -19.60
C SER A 111 2.00 -12.25 -19.53
N CYS A 112 2.90 -11.51 -20.18
CA CYS A 112 2.82 -10.06 -20.23
C CYS A 112 2.58 -9.63 -21.67
N ARG A 113 1.88 -8.51 -21.82
CA ARG A 113 1.57 -7.95 -23.12
C ARG A 113 1.79 -6.44 -23.07
N CYS A 114 1.64 -5.77 -24.20
CA CYS A 114 1.86 -4.33 -24.24
C CYS A 114 0.73 -3.63 -24.95
N HIS A 115 0.64 -2.33 -24.71
CA HIS A 115 -0.36 -1.47 -25.34
C HIS A 115 0.03 -1.26 -26.81
N GLU A 116 -0.94 -0.90 -27.66
CA GLU A 116 -0.68 -0.62 -29.05
C GLU A 116 0.44 0.45 -29.10
N GLY A 117 1.40 0.29 -30.02
CA GLY A 117 2.51 1.24 -30.12
C GLY A 117 3.75 0.77 -29.37
N TYR A 118 3.66 -0.42 -28.78
CA TYR A 118 4.73 -1.03 -28.03
C TYR A 118 4.78 -2.51 -28.36
N SER A 119 5.93 -3.13 -28.13
CA SER A 119 6.06 -4.56 -28.36
C SER A 119 6.82 -5.11 -27.17
N LEU A 120 6.55 -6.38 -26.84
CA LEU A 120 7.18 -7.06 -25.71
C LEU A 120 8.64 -7.41 -25.96
N LEU A 121 9.47 -7.19 -24.95
CA LEU A 121 10.88 -7.48 -25.04
C LEU A 121 11.21 -8.95 -24.82
N ALA A 122 12.47 -9.28 -25.01
CA ALA A 122 12.97 -10.64 -24.87
C ALA A 122 12.80 -11.18 -23.46
N ASP A 123 12.84 -10.29 -22.48
CA ASP A 123 12.70 -10.72 -21.10
C ASP A 123 11.30 -11.20 -20.77
N GLY A 124 10.38 -11.03 -21.71
CA GLY A 124 9.01 -11.47 -21.53
C GLY A 124 8.16 -10.56 -20.66
N VAL A 125 8.75 -9.49 -20.13
CA VAL A 125 8.01 -8.55 -19.28
C VAL A 125 8.05 -7.07 -19.69
N SER A 126 9.19 -6.63 -20.26
CA SER A 126 9.34 -5.23 -20.67
C SER A 126 8.73 -4.90 -22.03
N CYS A 127 8.33 -3.64 -22.20
CA CYS A 127 7.73 -3.17 -23.44
C CYS A 127 8.56 -2.06 -24.04
N THR A 128 8.69 -2.07 -25.35
CA THR A 128 9.48 -1.05 -26.01
C THR A 128 8.66 -0.41 -27.12
N PRO A 129 8.77 0.92 -27.29
CA PRO A 129 8.03 1.65 -28.35
C PRO A 129 8.36 1.13 -29.75
N THR A 130 7.31 1.04 -30.58
CA THR A 130 7.45 0.59 -31.95
C THR A 130 7.13 1.76 -32.89
N VAL A 131 6.76 2.90 -32.30
CA VAL A 131 6.45 4.11 -33.07
C VAL A 131 7.24 5.27 -32.50
N GLU A 132 7.27 6.38 -33.23
CA GLU A 132 8.04 7.53 -32.81
C GLU A 132 7.51 8.19 -31.55
N TYR A 133 6.19 8.37 -31.52
CA TYR A 133 5.51 8.99 -30.41
C TYR A 133 4.51 8.08 -29.74
N PRO A 134 4.99 7.08 -28.97
CA PRO A 134 4.07 6.16 -28.29
C PRO A 134 3.23 6.91 -27.25
N CYS A 135 2.04 6.39 -26.96
CA CYS A 135 1.17 7.01 -25.97
C CYS A 135 1.82 6.92 -24.61
N GLY A 136 1.49 7.87 -23.74
CA GLY A 136 1.98 7.82 -22.37
C GLY A 136 3.42 8.12 -22.07
N LYS A 137 4.15 8.68 -23.03
CA LYS A 137 5.55 9.09 -22.83
C LYS A 137 5.65 10.59 -23.06
N ILE A 138 6.54 11.25 -22.34
CA ILE A 138 6.71 12.70 -22.46
C ILE A 138 8.08 12.93 -23.17
N PRO A 139 8.03 13.17 -24.48
CA PRO A 139 9.23 13.38 -25.30
C PRO A 139 10.23 14.42 -24.84
N ILE A 140 9.77 15.55 -24.33
CA ILE A 140 10.74 16.56 -23.89
C ILE A 140 11.54 16.14 -22.64
N LEU A 141 11.10 15.08 -21.97
CA LEU A 141 11.79 14.60 -20.78
C LEU A 141 12.61 13.34 -20.99
N GLU A 142 12.62 12.82 -22.21
CA GLU A 142 13.41 11.64 -22.48
C GLU A 142 14.05 11.71 -23.87
N ILE B 1 -7.55 24.59 -11.40
CA ILE B 1 -6.77 23.78 -10.44
C ILE B 1 -6.40 24.68 -9.29
N VAL B 2 -6.77 24.27 -8.08
CA VAL B 2 -6.47 25.02 -6.86
C VAL B 2 -5.25 24.38 -6.16
N GLY B 3 -4.25 25.20 -5.86
CA GLY B 3 -3.05 24.73 -5.17
C GLY B 3 -2.10 23.88 -5.98
N GLY B 4 -2.14 24.04 -7.28
CA GLY B 4 -1.26 23.27 -8.15
C GLY B 4 -0.06 24.06 -8.60
N LYS B 5 0.58 23.58 -9.67
CA LYS B 5 1.75 24.23 -10.24
C LYS B 5 1.55 24.38 -11.73
N VAL B 6 2.34 25.22 -12.39
CA VAL B 6 2.24 25.34 -13.82
C VAL B 6 2.84 24.08 -14.42
N CYS B 7 2.14 23.43 -15.35
CA CYS B 7 2.72 22.25 -15.99
C CYS B 7 3.71 22.81 -17.00
N PRO B 8 5.02 22.50 -16.86
CA PRO B 8 5.99 23.03 -17.83
C PRO B 8 5.58 22.66 -19.26
N LYS B 9 5.68 23.64 -20.16
CA LYS B 9 5.31 23.47 -21.57
C LYS B 9 5.83 22.16 -22.15
N GLY B 10 4.92 21.33 -22.67
CA GLY B 10 5.31 20.05 -23.23
C GLY B 10 5.18 18.89 -22.25
N GLU B 11 5.03 19.18 -20.96
CA GLU B 11 4.95 18.11 -19.97
C GLU B 11 3.57 17.46 -19.70
N CYS B 12 2.53 18.03 -20.30
CA CYS B 12 1.17 17.53 -20.19
C CYS B 12 0.74 17.57 -21.68
N PRO B 13 1.43 16.78 -22.52
CA PRO B 13 1.16 16.76 -23.98
C PRO B 13 -0.14 16.22 -24.52
N TRP B 14 -0.86 15.52 -23.65
CA TRP B 14 -2.17 14.94 -23.99
C TRP B 14 -3.32 15.86 -23.62
N GLN B 15 -3.04 16.95 -22.89
CA GLN B 15 -4.07 17.90 -22.50
C GLN B 15 -4.68 18.60 -23.71
N VAL B 16 -6.02 18.65 -23.73
CA VAL B 16 -6.78 19.29 -24.80
C VAL B 16 -7.58 20.46 -24.27
N LEU B 17 -7.66 21.54 -25.06
CA LEU B 17 -8.47 22.68 -24.71
C LEU B 17 -9.67 22.65 -25.67
N LEU B 18 -10.90 22.56 -25.13
CA LEU B 18 -12.09 22.58 -25.95
C LEU B 18 -12.67 23.97 -25.94
N LEU B 19 -13.03 24.44 -27.13
CA LEU B 19 -13.62 25.75 -27.33
C LEU B 19 -14.94 25.62 -28.05
N VAL B 20 -15.90 26.47 -27.69
CA VAL B 20 -17.16 26.51 -28.42
C VAL B 20 -17.33 27.97 -28.83
N ASN B 21 -17.52 28.19 -30.13
CA ASN B 21 -17.66 29.54 -30.68
C ASN B 21 -16.41 30.38 -30.37
N GLY B 22 -15.27 29.72 -30.22
CA GLY B 22 -14.02 30.42 -29.92
C GLY B 22 -13.73 30.64 -28.45
N ALA B 23 -14.69 30.33 -27.59
CA ALA B 23 -14.49 30.49 -26.15
C ALA B 23 -14.17 29.19 -25.41
N GLN B 24 -13.40 29.33 -24.33
CA GLN B 24 -12.99 28.20 -23.48
C GLN B 24 -14.19 27.47 -22.93
N LEU B 25 -14.27 26.17 -23.21
CA LEU B 25 -15.36 25.32 -22.75
C LEU B 25 -14.95 24.39 -21.61
N CYS B 26 -14.01 23.50 -21.91
CA CYS B 26 -13.55 22.49 -20.97
C CYS B 26 -12.20 21.93 -21.38
N GLY B 27 -11.70 20.99 -20.57
CA GLY B 27 -10.47 20.28 -20.85
C GLY B 27 -10.83 18.99 -21.55
N GLY B 28 -9.81 18.24 -21.98
CA GLY B 28 -10.02 16.98 -22.66
C GLY B 28 -8.71 16.23 -22.60
N THR B 29 -8.69 14.98 -23.08
CA THR B 29 -7.47 14.16 -23.09
C THR B 29 -7.35 13.45 -24.42
N LEU B 30 -6.22 13.64 -25.12
CA LEU B 30 -5.99 12.97 -26.41
C LEU B 30 -5.61 11.51 -26.17
N ILE B 31 -6.30 10.55 -26.80
CA ILE B 31 -5.93 9.13 -26.58
C ILE B 31 -5.33 8.44 -27.79
N ASN B 32 -5.36 9.12 -28.92
CA ASN B 32 -4.78 8.69 -30.19
C ASN B 32 -4.85 9.92 -31.10
N THR B 33 -4.51 9.82 -32.38
CA THR B 33 -4.55 11.01 -33.23
C THR B 33 -5.94 11.54 -33.61
N ILE B 34 -6.96 10.73 -33.42
CA ILE B 34 -8.30 11.14 -33.82
C ILE B 34 -9.30 11.33 -32.69
N TRP B 35 -9.05 10.65 -31.57
CA TRP B 35 -9.96 10.68 -30.45
C TRP B 35 -9.58 11.38 -29.14
N VAL B 36 -10.57 12.08 -28.58
CA VAL B 36 -10.41 12.82 -27.35
C VAL B 36 -11.47 12.38 -26.35
N VAL B 37 -11.07 12.25 -25.09
CA VAL B 37 -12.02 11.89 -24.04
C VAL B 37 -12.25 13.16 -23.21
N SER B 38 -13.49 13.47 -22.92
CA SER B 38 -13.85 14.64 -22.12
C SER B 38 -15.05 14.26 -21.22
N ALA B 39 -15.66 15.25 -20.56
CA ALA B 39 -16.79 15.01 -19.65
C ALA B 39 -18.10 15.35 -20.35
N ALA B 40 -19.14 14.52 -20.12
CA ALA B 40 -20.44 14.74 -20.75
C ALA B 40 -21.07 16.08 -20.36
N HIS B 41 -20.91 16.49 -19.09
CA HIS B 41 -21.53 17.74 -18.62
C HIS B 41 -21.03 19.00 -19.32
N CYS B 42 -19.91 18.88 -20.00
CA CYS B 42 -19.30 19.98 -20.75
C CYS B 42 -20.19 20.37 -21.92
N PHE B 43 -21.05 19.46 -22.32
CA PHE B 43 -21.93 19.67 -23.47
C PHE B 43 -23.41 19.91 -23.16
N ASP B 44 -23.71 20.18 -21.89
CA ASP B 44 -25.09 20.41 -21.45
C ASP B 44 -25.75 21.64 -22.07
N LYS B 45 -25.00 22.71 -22.25
CA LYS B 45 -25.56 23.95 -22.80
C LYS B 45 -25.24 24.26 -24.26
N ILE B 46 -24.72 23.29 -24.99
CA ILE B 46 -24.35 23.49 -26.38
C ILE B 46 -25.50 23.62 -27.36
N LYS B 47 -25.48 24.68 -28.16
CA LYS B 47 -26.49 24.91 -29.18
C LYS B 47 -25.80 24.79 -30.55
N ASN B 48 -24.64 25.43 -30.69
CA ASN B 48 -23.89 25.43 -31.93
C ASN B 48 -22.91 24.26 -31.94
N TRP B 49 -23.41 23.10 -32.37
CA TRP B 49 -22.61 21.89 -32.41
C TRP B 49 -21.50 21.83 -33.46
N ARG B 50 -21.63 22.65 -34.50
CA ARG B 50 -20.63 22.67 -35.56
C ARG B 50 -19.52 23.68 -35.26
N ASN B 51 -19.59 24.29 -34.07
CA ASN B 51 -18.64 25.30 -33.61
C ASN B 51 -17.69 24.83 -32.47
N LEU B 52 -17.47 23.52 -32.38
CA LEU B 52 -16.57 22.98 -31.37
C LEU B 52 -15.16 22.77 -31.92
N ILE B 53 -14.17 23.27 -31.19
CA ILE B 53 -12.78 23.13 -31.58
C ILE B 53 -11.98 22.51 -30.45
N ALA B 54 -11.05 21.63 -30.82
CA ALA B 54 -10.14 21.00 -29.88
C ALA B 54 -8.75 21.55 -30.20
N VAL B 55 -8.06 22.05 -29.19
CA VAL B 55 -6.71 22.59 -29.38
C VAL B 55 -5.71 21.72 -28.61
N LEU B 56 -4.73 21.20 -29.33
CA LEU B 56 -3.65 20.39 -28.76
C LEU B 56 -2.36 21.23 -28.77
N GLY B 57 -1.44 20.93 -27.86
CA GLY B 57 -0.19 21.67 -27.79
C GLY B 57 -0.31 23.05 -27.17
N GLU B 58 -1.45 23.32 -26.58
CA GLU B 58 -1.70 24.60 -25.93
C GLU B 58 -0.97 24.64 -24.60
N HIS B 59 -0.61 25.84 -24.17
CA HIS B 59 0.06 26.02 -22.90
C HIS B 59 -0.37 27.33 -22.25
N ASP B 60 -0.06 28.44 -22.91
CA ASP B 60 -0.39 29.77 -22.46
C ASP B 60 -1.49 30.29 -23.38
N LEU B 61 -2.67 30.53 -22.79
CA LEU B 61 -3.85 31.01 -23.52
C LEU B 61 -3.71 32.41 -24.08
N SER B 62 -2.81 33.21 -23.53
CA SER B 62 -2.58 34.58 -23.99
C SER B 62 -1.61 34.71 -25.17
N GLU B 63 -0.90 33.64 -25.51
CA GLU B 63 0.06 33.66 -26.59
C GLU B 63 -0.04 32.44 -27.48
N HIS B 64 0.05 32.65 -28.78
CA HIS B 64 0.02 31.57 -29.75
C HIS B 64 1.43 31.24 -30.21
N ASP B 65 1.75 29.95 -30.31
CA ASP B 65 3.05 29.54 -30.84
C ASP B 65 2.85 28.39 -31.81
N GLY B 66 3.94 27.97 -32.46
CA GLY B 66 3.87 26.91 -33.45
C GLY B 66 3.59 25.50 -33.00
N ASP B 67 3.37 25.30 -31.71
CA ASP B 67 3.10 23.96 -31.20
C ASP B 67 1.60 23.65 -31.10
N GLU B 68 0.78 24.70 -31.22
CA GLU B 68 -0.67 24.58 -31.13
C GLU B 68 -1.28 24.10 -32.43
N GLN B 69 -2.17 23.12 -32.31
CA GLN B 69 -2.86 22.56 -33.44
C GLN B 69 -4.34 22.58 -33.10
N SER B 70 -5.15 23.09 -34.02
CA SER B 70 -6.59 23.13 -33.81
C SER B 70 -7.27 22.20 -34.78
N ARG B 71 -8.33 21.54 -34.32
CA ARG B 71 -9.10 20.61 -35.15
C ARG B 71 -10.58 20.75 -34.87
N ARG B 72 -11.39 20.62 -35.91
CA ARG B 72 -12.85 20.69 -35.75
C ARG B 72 -13.32 19.40 -35.09
N VAL B 73 -14.28 19.52 -34.18
CA VAL B 73 -14.84 18.34 -33.53
C VAL B 73 -16.02 17.86 -34.38
N ALA B 74 -15.84 16.69 -34.99
CA ALA B 74 -16.84 16.11 -35.87
C ALA B 74 -17.96 15.36 -35.16
N GLN B 75 -17.65 14.75 -34.01
CA GLN B 75 -18.66 13.97 -33.29
C GLN B 75 -18.41 14.03 -31.78
N VAL B 76 -19.50 14.08 -31.03
CA VAL B 76 -19.46 14.10 -29.58
C VAL B 76 -20.35 12.94 -29.17
N ILE B 77 -19.74 11.89 -28.64
CA ILE B 77 -20.48 10.70 -28.25
C ILE B 77 -20.62 10.62 -26.75
N ILE B 78 -21.85 10.53 -26.28
CA ILE B 78 -22.16 10.51 -24.85
C ILE B 78 -23.06 9.32 -24.50
N PRO B 79 -22.89 8.71 -23.30
CA PRO B 79 -23.73 7.54 -22.95
C PRO B 79 -25.20 7.98 -22.92
N SER B 80 -26.08 7.17 -23.49
CA SER B 80 -27.51 7.52 -23.51
C SER B 80 -28.07 7.54 -22.08
N THR B 81 -27.37 6.86 -21.17
CA THR B 81 -27.73 6.75 -19.75
C THR B 81 -27.45 8.05 -18.98
N TYR B 82 -26.57 8.89 -19.53
CA TYR B 82 -26.23 10.17 -18.90
C TYR B 82 -27.42 11.10 -18.91
N VAL B 83 -27.66 11.76 -17.78
CA VAL B 83 -28.75 12.70 -17.66
C VAL B 83 -28.22 14.12 -17.41
N PRO B 84 -28.42 15.06 -18.37
CA PRO B 84 -27.95 16.45 -18.21
C PRO B 84 -28.40 17.02 -16.87
N GLY B 85 -27.49 17.74 -16.22
CA GLY B 85 -27.82 18.31 -14.93
C GLY B 85 -27.40 17.40 -13.79
N THR B 86 -27.05 16.15 -14.10
CA THR B 86 -26.61 15.21 -13.06
C THR B 86 -25.12 14.82 -13.17
N THR B 87 -24.70 13.89 -12.31
CA THR B 87 -23.32 13.46 -12.27
C THR B 87 -22.91 12.11 -12.87
N ASN B 88 -23.79 11.10 -12.81
CA ASN B 88 -23.42 9.78 -13.32
C ASN B 88 -23.14 9.70 -14.80
N HIS B 89 -22.22 8.81 -15.18
CA HIS B 89 -21.82 8.59 -16.59
C HIS B 89 -21.31 9.87 -17.26
N ASP B 90 -20.46 10.59 -16.53
CA ASP B 90 -19.92 11.85 -17.00
C ASP B 90 -18.71 11.65 -17.90
N ILE B 91 -18.97 11.16 -19.11
CA ILE B 91 -17.92 10.91 -20.08
C ILE B 91 -18.43 11.26 -21.49
N ALA B 92 -17.52 11.73 -22.33
CA ALA B 92 -17.81 12.07 -23.71
C ALA B 92 -16.62 11.65 -24.58
N LEU B 93 -16.88 11.04 -25.72
CA LEU B 93 -15.85 10.61 -26.64
C LEU B 93 -15.99 11.47 -27.90
N LEU B 94 -14.97 12.25 -28.22
CA LEU B 94 -15.00 13.15 -29.36
C LEU B 94 -14.12 12.74 -30.53
N ARG B 95 -14.70 12.75 -31.72
CA ARG B 95 -13.96 12.43 -32.94
C ARG B 95 -13.50 13.73 -33.60
N LEU B 96 -12.21 13.84 -33.88
CA LEU B 96 -11.68 15.03 -34.54
C LEU B 96 -11.90 14.87 -36.05
N HIS B 97 -12.17 15.98 -36.73
CA HIS B 97 -12.42 15.95 -38.17
C HIS B 97 -11.23 15.46 -38.99
N GLN B 98 -10.03 15.85 -38.55
CA GLN B 98 -8.79 15.43 -39.18
C GLN B 98 -7.88 15.13 -38.02
N PRO B 99 -6.94 14.18 -38.19
CA PRO B 99 -6.04 13.83 -37.09
C PRO B 99 -5.00 14.89 -36.76
N VAL B 100 -4.65 14.98 -35.49
CA VAL B 100 -3.59 15.91 -35.14
C VAL B 100 -2.29 15.22 -35.53
N VAL B 101 -1.23 16.00 -35.60
CA VAL B 101 0.07 15.46 -35.90
C VAL B 101 0.82 15.29 -34.59
N LEU B 102 1.32 14.09 -34.32
CA LEU B 102 2.05 13.87 -33.08
C LEU B 102 3.40 14.55 -33.12
N THR B 103 3.70 15.34 -32.08
CA THR B 103 4.95 16.07 -31.96
C THR B 103 5.47 15.97 -30.52
N ASP B 104 6.57 16.65 -30.24
CA ASP B 104 7.16 16.66 -28.89
C ASP B 104 6.18 17.33 -27.90
N HIS B 105 5.23 18.08 -28.42
CA HIS B 105 4.27 18.82 -27.62
C HIS B 105 2.83 18.29 -27.68
N VAL B 106 2.60 17.29 -28.53
CA VAL B 106 1.29 16.69 -28.70
C VAL B 106 1.48 15.19 -28.73
N VAL B 107 1.13 14.53 -27.63
CA VAL B 107 1.28 13.08 -27.53
C VAL B 107 0.03 12.54 -26.89
N PRO B 108 -0.47 11.38 -27.35
CA PRO B 108 -1.68 10.86 -26.72
C PRO B 108 -1.41 10.13 -25.38
N LEU B 109 -2.39 10.15 -24.47
CA LEU B 109 -2.28 9.43 -23.19
C LEU B 109 -2.83 8.03 -23.48
N CYS B 110 -2.22 6.99 -22.90
CA CYS B 110 -2.65 5.63 -23.14
C CYS B 110 -3.98 5.31 -22.46
N LEU B 111 -4.95 4.84 -23.25
CA LEU B 111 -6.21 4.38 -22.69
C LEU B 111 -5.82 2.93 -22.31
N PRO B 112 -5.93 2.59 -21.02
CA PRO B 112 -5.56 1.23 -20.59
C PRO B 112 -6.66 0.18 -20.73
N GLU B 113 -6.27 -1.08 -20.54
CA GLU B 113 -7.20 -2.19 -20.54
C GLU B 113 -7.91 -2.11 -19.19
N ARG B 114 -9.14 -2.61 -19.13
CA ARG B 114 -9.93 -2.55 -17.91
C ARG B 114 -9.36 -3.27 -16.71
N THR B 115 -8.95 -4.53 -16.91
CA THR B 115 -8.42 -5.32 -15.78
C THR B 115 -7.12 -4.72 -15.19
N PHE B 116 -6.20 -4.34 -16.06
CA PHE B 116 -4.95 -3.70 -15.66
C PHE B 116 -5.28 -2.43 -14.88
N SER B 117 -6.25 -1.66 -15.36
CA SER B 117 -6.64 -0.42 -14.68
C SER B 117 -7.31 -0.65 -13.32
N GLU B 118 -8.11 -1.71 -13.24
CA GLU B 118 -8.81 -2.02 -11.99
C GLU B 118 -7.93 -2.65 -10.90
N ARG B 119 -7.02 -3.54 -11.31
CA ARG B 119 -6.19 -4.23 -10.35
C ARG B 119 -4.79 -3.69 -10.15
N THR B 120 -4.36 -2.80 -11.03
CA THR B 120 -3.03 -2.26 -10.87
C THR B 120 -3.04 -0.73 -10.77
N LEU B 121 -3.56 -0.05 -11.79
CA LEU B 121 -3.58 1.43 -11.79
C LEU B 121 -4.40 2.02 -10.66
N ALA B 122 -5.47 1.31 -10.27
CA ALA B 122 -6.33 1.80 -9.21
C ALA B 122 -5.62 1.87 -7.86
N PHE B 123 -4.52 1.14 -7.72
CA PHE B 123 -3.80 1.12 -6.47
C PHE B 123 -2.52 1.95 -6.42
N VAL B 124 -2.27 2.67 -7.51
CA VAL B 124 -1.14 3.59 -7.55
C VAL B 124 -1.73 4.80 -6.81
N ARG B 125 -1.06 5.24 -5.74
CA ARG B 125 -1.58 6.32 -4.90
C ARG B 125 -1.83 7.66 -5.56
N PHE B 126 -0.80 8.23 -6.15
CA PHE B 126 -0.93 9.54 -6.78
C PHE B 126 -1.08 9.50 -8.28
N SER B 127 -1.77 10.52 -8.79
CA SER B 127 -1.98 10.74 -10.24
C SER B 127 -2.07 12.25 -10.45
N LEU B 128 -1.85 12.70 -11.69
CA LEU B 128 -1.93 14.12 -12.02
C LEU B 128 -3.24 14.54 -12.65
N VAL B 129 -3.76 15.68 -12.21
CA VAL B 129 -4.98 16.28 -12.78
C VAL B 129 -4.54 17.65 -13.30
N SER B 130 -5.07 18.03 -14.45
CA SER B 130 -4.65 19.29 -15.06
C SER B 130 -5.76 20.07 -15.75
N GLY B 131 -5.46 21.35 -16.03
CA GLY B 131 -6.40 22.20 -16.74
C GLY B 131 -6.16 23.69 -16.55
N TRP B 132 -6.96 24.48 -17.27
CA TRP B 132 -6.93 25.94 -17.22
C TRP B 132 -8.14 26.43 -16.45
N GLY B 133 -8.58 25.65 -15.47
CA GLY B 133 -9.72 26.03 -14.66
C GLY B 133 -9.40 27.07 -13.61
N GLN B 134 -10.36 27.31 -12.72
CA GLN B 134 -10.23 28.28 -11.64
C GLN B 134 -9.09 27.97 -10.70
N LEU B 135 -8.36 29.01 -10.33
CA LEU B 135 -7.23 28.94 -9.41
C LEU B 135 -7.70 28.93 -7.96
N LEU B 136 -8.96 29.33 -7.76
CA LEU B 136 -9.66 29.40 -6.48
C LEU B 136 -11.13 29.11 -6.74
N ASP B 137 -11.81 28.57 -5.74
CA ASP B 137 -13.24 28.29 -5.88
C ASP B 137 -13.93 29.62 -6.21
N ARG B 138 -14.66 29.62 -7.32
CA ARG B 138 -15.36 30.84 -7.77
C ARG B 138 -14.39 31.95 -8.13
N GLY B 139 -13.13 31.61 -8.35
CA GLY B 139 -12.11 32.59 -8.70
C GLY B 139 -11.88 32.68 -10.20
N ALA B 140 -10.80 33.33 -10.61
CA ALA B 140 -10.48 33.47 -12.04
C ALA B 140 -9.83 32.19 -12.57
N THR B 141 -9.95 31.97 -13.88
CA THR B 141 -9.33 30.80 -14.48
C THR B 141 -7.84 31.06 -14.79
N ALA B 142 -7.10 30.00 -15.10
CA ALA B 142 -5.68 30.10 -15.38
C ALA B 142 -5.33 30.37 -16.85
N LEU B 143 -4.27 31.16 -17.05
CA LEU B 143 -3.73 31.48 -18.37
C LEU B 143 -2.73 30.41 -18.82
N GLU B 144 -1.94 29.89 -17.87
CA GLU B 144 -0.98 28.82 -18.17
C GLU B 144 -1.50 27.50 -17.61
N LEU B 145 -1.34 26.42 -18.37
CA LEU B 145 -1.79 25.10 -17.94
C LEU B 145 -1.30 24.72 -16.54
N MET B 146 -2.23 24.35 -15.66
CA MET B 146 -1.91 23.96 -14.30
C MET B 146 -2.04 22.46 -14.11
N VAL B 147 -1.21 21.89 -13.25
CA VAL B 147 -1.20 20.47 -12.94
C VAL B 147 -1.11 20.27 -11.40
N LEU B 148 -1.71 19.19 -10.92
CA LEU B 148 -1.76 18.89 -9.50
C LEU B 148 -1.64 17.38 -9.27
N ASN B 149 -0.92 16.99 -8.23
CA ASN B 149 -0.77 15.59 -7.83
C ASN B 149 -1.82 15.29 -6.77
N VAL B 150 -2.66 14.29 -7.01
CA VAL B 150 -3.70 13.95 -6.05
C VAL B 150 -3.75 12.47 -5.70
N PRO B 151 -3.98 12.15 -4.41
CA PRO B 151 -4.04 10.74 -4.00
C PRO B 151 -5.46 10.18 -4.19
N ARG B 152 -5.56 8.94 -4.64
CA ARG B 152 -6.84 8.28 -4.85
C ARG B 152 -7.38 7.60 -3.58
N LEU B 153 -8.70 7.60 -3.44
CA LEU B 153 -9.36 6.95 -2.33
C LEU B 153 -10.39 5.93 -2.79
N MET B 154 -10.52 4.83 -2.06
CA MET B 154 -11.59 3.88 -2.37
C MET B 154 -12.84 4.61 -1.86
N THR B 155 -13.96 4.38 -2.52
CA THR B 155 -15.20 5.07 -2.17
C THR B 155 -15.67 5.02 -0.72
N GLN B 156 -15.50 3.87 -0.06
CA GLN B 156 -15.87 3.70 1.34
C GLN B 156 -15.12 4.73 2.19
N ASP B 157 -13.82 4.87 1.94
CA ASP B 157 -13.00 5.83 2.68
C ASP B 157 -13.42 7.25 2.37
N CYS B 158 -13.73 7.50 1.09
CA CYS B 158 -14.16 8.82 0.65
C CYS B 158 -15.41 9.22 1.40
N LEU B 159 -16.38 8.31 1.47
CA LEU B 159 -17.64 8.58 2.18
C LEU B 159 -17.42 8.81 3.67
N GLN B 160 -16.62 7.95 4.26
CA GLN B 160 -16.31 8.04 5.67
C GLN B 160 -15.54 9.31 6.04
N GLN B 161 -14.75 9.83 5.10
CA GLN B 161 -13.96 11.04 5.37
C GLN B 161 -14.59 12.34 4.91
N SER B 162 -15.73 12.26 4.24
CA SER B 162 -16.39 13.44 3.78
C SER B 162 -17.45 13.99 4.71
N ARG B 163 -17.44 15.31 4.85
CA ARG B 163 -18.42 16.01 5.67
C ARG B 163 -19.79 15.82 5.02
N LYS B 164 -20.79 15.49 5.82
CA LYS B 164 -22.15 15.28 5.32
C LYS B 164 -22.83 16.55 4.80
N VAL B 165 -23.30 16.46 3.56
CA VAL B 165 -24.01 17.55 2.90
C VAL B 165 -25.33 16.95 2.42
N GLY B 166 -26.43 17.60 2.76
CA GLY B 166 -27.73 17.10 2.32
C GLY B 166 -27.90 17.17 0.81
N ASP B 167 -28.76 16.33 0.26
CA ASP B 167 -29.05 16.25 -1.18
C ASP B 167 -27.84 16.07 -2.13
N SER B 168 -26.68 15.73 -1.56
CA SER B 168 -25.46 15.52 -2.35
C SER B 168 -25.59 14.30 -3.25
N PRO B 169 -24.86 14.29 -4.38
CA PRO B 169 -24.94 13.15 -5.31
C PRO B 169 -24.28 11.88 -4.75
N ASN B 170 -24.82 10.72 -5.14
CA ASN B 170 -24.25 9.46 -4.71
C ASN B 170 -22.96 9.26 -5.50
N ILE B 171 -21.95 8.68 -4.86
CA ILE B 171 -20.72 8.38 -5.55
C ILE B 171 -20.91 6.94 -6.04
N THR B 172 -21.17 6.80 -7.33
CA THR B 172 -21.43 5.50 -7.94
C THR B 172 -20.16 4.75 -8.30
N GLU B 173 -20.34 3.52 -8.79
CA GLU B 173 -19.22 2.69 -9.24
C GLU B 173 -18.56 3.25 -10.50
N TYR B 174 -19.17 4.26 -11.09
CA TYR B 174 -18.69 4.91 -12.31
C TYR B 174 -17.89 6.16 -11.96
N MET B 175 -17.55 6.28 -10.68
CA MET B 175 -16.79 7.41 -10.15
C MET B 175 -15.79 6.96 -9.11
N PHE B 176 -14.91 7.89 -8.73
CA PHE B 176 -13.94 7.66 -7.66
C PHE B 176 -13.49 9.04 -7.13
N CYS B 177 -13.06 9.08 -5.88
CA CYS B 177 -12.60 10.32 -5.28
C CYS B 177 -11.09 10.39 -5.27
N ALA B 178 -10.57 11.59 -5.37
CA ALA B 178 -9.14 11.82 -5.29
C ALA B 178 -8.95 13.24 -4.81
N GLY B 179 -7.89 13.46 -4.04
CA GLY B 179 -7.67 14.80 -3.57
C GLY B 179 -7.36 14.91 -2.10
N TYR B 180 -7.72 16.05 -1.54
CA TYR B 180 -7.47 16.40 -0.15
C TYR B 180 -8.73 17.04 0.44
N SER B 181 -9.03 16.75 1.70
CA SER B 181 -10.19 17.33 2.35
C SER B 181 -9.82 18.51 3.25
N ASP B 182 -8.57 18.97 3.18
CA ASP B 182 -8.11 20.08 4.01
C ASP B 182 -8.27 21.48 3.40
N GLY B 183 -8.87 21.55 2.21
CA GLY B 183 -9.10 22.83 1.56
C GLY B 183 -7.88 23.42 0.84
N SER B 184 -6.87 22.59 0.58
CA SER B 184 -5.65 23.07 -0.05
C SER B 184 -5.47 22.87 -1.53
N LYS B 185 -5.90 21.71 -2.02
CA LYS B 185 -5.68 21.31 -3.40
C LYS B 185 -6.86 20.54 -3.98
N ASP B 186 -7.19 20.83 -5.24
CA ASP B 186 -8.32 20.17 -5.91
C ASP B 186 -8.38 20.73 -7.32
N SER B 187 -9.10 20.03 -8.21
CA SER B 187 -9.34 20.50 -9.56
C SER B 187 -10.59 21.39 -9.40
N CYS B 188 -11.04 22.05 -10.44
CA CYS B 188 -12.18 22.93 -10.30
C CYS B 188 -13.03 22.97 -11.56
N LYS B 189 -14.10 23.75 -11.54
CA LYS B 189 -15.03 23.85 -12.65
C LYS B 189 -14.50 23.87 -14.11
N GLY B 190 -13.58 24.78 -14.41
CA GLY B 190 -13.05 24.87 -15.76
C GLY B 190 -12.08 23.75 -16.12
N ASP B 191 -11.78 22.88 -15.16
CA ASP B 191 -10.87 21.76 -15.40
C ASP B 191 -11.64 20.56 -15.89
N SER B 192 -12.97 20.63 -15.82
CA SER B 192 -13.88 19.56 -16.26
C SER B 192 -13.52 18.95 -17.62
N GLY B 193 -13.54 17.62 -17.69
CA GLY B 193 -13.18 16.95 -18.92
C GLY B 193 -11.71 16.63 -19.03
N GLY B 194 -10.88 17.31 -18.24
CA GLY B 194 -9.44 17.11 -18.25
C GLY B 194 -9.01 15.76 -17.72
N PRO B 195 -7.74 15.36 -17.93
CA PRO B 195 -7.21 14.07 -17.48
C PRO B 195 -6.85 13.94 -16.02
N HIS B 196 -6.97 12.70 -15.55
CA HIS B 196 -6.51 12.25 -14.23
C HIS B 196 -5.61 11.15 -14.79
N ALA B 197 -4.31 11.44 -14.87
CA ALA B 197 -3.35 10.53 -15.46
C ALA B 197 -2.51 9.82 -14.44
N THR B 198 -2.36 8.51 -14.64
CA THR B 198 -1.59 7.67 -13.74
C THR B 198 -0.30 7.15 -14.36
N HIS B 199 0.80 7.36 -13.65
CA HIS B 199 2.14 6.93 -14.05
C HIS B 199 2.39 5.55 -13.47
N TYR B 200 2.71 4.58 -14.34
CA TYR B 200 3.00 3.22 -13.91
C TYR B 200 4.09 2.61 -14.75
N ARG B 201 5.18 2.20 -14.10
CA ARG B 201 6.31 1.58 -14.78
C ARG B 201 6.75 2.23 -16.10
N GLY B 202 6.91 3.56 -16.03
CA GLY B 202 7.35 4.38 -17.16
C GLY B 202 6.37 4.80 -18.24
N THR B 203 5.09 4.63 -18.00
CA THR B 203 4.08 5.01 -18.97
C THR B 203 2.91 5.60 -18.22
N TRP B 204 2.28 6.58 -18.85
CA TRP B 204 1.13 7.26 -18.29
C TRP B 204 -0.15 6.74 -18.92
N TYR B 205 -1.19 6.60 -18.10
CA TYR B 205 -2.48 6.08 -18.53
C TYR B 205 -3.63 6.96 -18.07
N LEU B 206 -4.73 6.87 -18.80
CA LEU B 206 -5.96 7.60 -18.47
C LEU B 206 -6.78 6.79 -17.47
N THR B 207 -6.96 7.33 -16.26
CA THR B 207 -7.74 6.62 -15.24
C THR B 207 -8.99 7.36 -14.82
N GLY B 208 -8.99 8.67 -15.03
CA GLY B 208 -10.14 9.44 -14.62
C GLY B 208 -10.34 10.70 -15.43
N ILE B 209 -11.52 11.29 -15.29
CA ILE B 209 -11.85 12.54 -15.98
C ILE B 209 -12.38 13.51 -14.94
N VAL B 210 -11.88 14.75 -14.95
CA VAL B 210 -12.36 15.74 -14.00
C VAL B 210 -13.88 15.86 -14.21
N SER B 211 -14.63 15.59 -13.14
CA SER B 211 -16.09 15.57 -13.22
C SER B 211 -16.87 16.49 -12.27
N TRP B 212 -16.78 16.30 -10.96
CA TRP B 212 -17.52 17.14 -10.02
C TRP B 212 -16.94 17.20 -8.61
N GLY B 213 -17.56 18.00 -7.77
CA GLY B 213 -17.12 18.16 -6.40
C GLY B 213 -17.97 19.17 -5.66
N GLN B 214 -17.85 19.22 -4.34
CA GLN B 214 -18.60 20.20 -3.55
C GLN B 214 -17.68 21.40 -3.56
N GLY B 215 -17.95 22.33 -4.46
CA GLY B 215 -17.12 23.50 -4.60
C GLY B 215 -15.78 23.05 -5.15
N CYS B 216 -14.70 23.68 -4.71
CA CYS B 216 -13.36 23.34 -5.15
C CYS B 216 -12.45 23.53 -3.95
N ALA B 217 -11.75 22.46 -3.55
CA ALA B 217 -10.87 22.49 -2.39
C ALA B 217 -11.65 22.90 -1.14
N THR B 218 -12.84 22.32 -0.97
CA THR B 218 -13.68 22.63 0.17
C THR B 218 -13.33 21.68 1.31
N VAL B 219 -13.17 22.21 2.53
CA VAL B 219 -12.84 21.39 3.68
C VAL B 219 -13.91 20.29 3.87
N GLY B 220 -13.46 19.07 4.11
CA GLY B 220 -14.36 17.94 4.30
C GLY B 220 -14.81 17.26 3.02
N HIS B 221 -14.19 17.65 1.90
CA HIS B 221 -14.52 17.15 0.56
C HIS B 221 -13.34 16.89 -0.38
N PHE B 222 -13.55 15.95 -1.29
CA PHE B 222 -12.59 15.52 -2.30
C PHE B 222 -13.15 15.78 -3.71
N GLY B 223 -12.27 15.76 -4.71
CA GLY B 223 -12.73 15.90 -6.08
C GLY B 223 -13.27 14.54 -6.52
N VAL B 224 -14.29 14.54 -7.36
CA VAL B 224 -14.84 13.27 -7.83
C VAL B 224 -14.57 13.15 -9.33
N TYR B 225 -14.11 11.97 -9.73
CA TYR B 225 -13.70 11.70 -11.10
C TYR B 225 -14.45 10.54 -11.74
N THR B 226 -14.65 10.61 -13.05
CA THR B 226 -15.31 9.52 -13.76
C THR B 226 -14.33 8.33 -13.79
N ARG B 227 -14.80 7.15 -13.42
CA ARG B 227 -13.94 5.96 -13.40
C ARG B 227 -13.87 5.42 -14.81
N VAL B 228 -12.84 5.84 -15.53
CA VAL B 228 -12.64 5.44 -16.93
C VAL B 228 -12.60 3.92 -17.20
N SER B 229 -12.18 3.13 -16.22
CA SER B 229 -12.08 1.67 -16.37
C SER B 229 -13.42 1.01 -16.70
N GLN B 230 -14.50 1.65 -16.30
CA GLN B 230 -15.87 1.17 -16.55
C GLN B 230 -16.30 1.39 -18.00
N TYR B 231 -15.54 2.21 -18.70
CA TYR B 231 -15.86 2.58 -20.05
C TYR B 231 -14.90 2.12 -21.15
N ILE B 232 -13.92 1.29 -20.83
CA ILE B 232 -12.94 0.85 -21.83
C ILE B 232 -13.56 0.18 -23.06
N GLU B 233 -14.45 -0.78 -22.86
CA GLU B 233 -15.12 -1.50 -23.94
C GLU B 233 -16.01 -0.57 -24.75
N TRP B 234 -16.78 0.25 -24.04
CA TRP B 234 -17.69 1.23 -24.64
C TRP B 234 -16.90 2.18 -25.59
N LEU B 235 -15.78 2.71 -25.09
CA LEU B 235 -14.91 3.62 -25.83
C LEU B 235 -14.27 2.94 -27.05
N GLN B 236 -13.76 1.73 -26.85
CA GLN B 236 -13.10 1.01 -27.93
C GLN B 236 -14.04 0.66 -29.07
N LYS B 237 -15.25 0.22 -28.71
CA LYS B 237 -16.24 -0.12 -29.73
C LYS B 237 -16.61 1.11 -30.55
N LEU B 238 -16.86 2.21 -29.87
CA LEU B 238 -17.25 3.42 -30.54
C LEU B 238 -16.16 4.06 -31.38
N MET B 239 -14.91 3.78 -31.05
CA MET B 239 -13.81 4.34 -31.84
C MET B 239 -13.69 3.60 -33.16
N ARG B 240 -14.28 2.40 -33.21
CA ARG B 240 -14.28 1.57 -34.40
C ARG B 240 -15.53 1.83 -35.26
N SER B 241 -16.39 2.73 -34.80
CA SER B 241 -17.62 3.08 -35.50
C SER B 241 -17.44 4.08 -36.63
N GLU B 242 -18.36 4.01 -37.60
CA GLU B 242 -18.36 4.90 -38.76
C GLU B 242 -19.01 6.18 -38.39
N PRO B 243 -18.51 7.30 -38.93
CA PRO B 243 -19.09 8.61 -38.63
C PRO B 243 -20.56 8.78 -39.04
N ARG B 244 -21.28 9.61 -38.27
CA ARG B 244 -22.70 9.89 -38.52
C ARG B 244 -22.90 11.32 -38.97
N PRO B 245 -24.07 11.64 -39.53
CA PRO B 245 -24.30 13.01 -40.00
C PRO B 245 -24.31 14.14 -38.96
N GLY B 246 -24.99 13.93 -37.84
CA GLY B 246 -25.05 14.95 -36.81
C GLY B 246 -23.87 14.85 -35.87
N VAL B 247 -23.61 15.91 -35.10
CA VAL B 247 -22.48 15.89 -34.19
C VAL B 247 -22.73 15.03 -32.97
N LEU B 248 -23.75 15.36 -32.19
CA LEU B 248 -24.07 14.59 -30.99
C LEU B 248 -24.62 13.20 -31.29
N LEU B 249 -24.11 12.22 -30.57
CA LEU B 249 -24.59 10.86 -30.68
C LEU B 249 -24.74 10.35 -29.26
N ARG B 250 -25.96 9.97 -28.90
CA ARG B 250 -26.20 9.39 -27.60
C ARG B 250 -26.20 7.88 -27.86
N ALA B 251 -25.08 7.25 -27.51
CA ALA B 251 -24.85 5.83 -27.71
C ALA B 251 -25.22 4.99 -26.47
N PRO B 252 -25.74 3.76 -26.69
CA PRO B 252 -26.12 2.91 -25.57
C PRO B 252 -24.94 2.53 -24.67
N PHE B 253 -25.22 2.52 -23.36
CA PHE B 253 -24.24 2.09 -22.37
C PHE B 253 -24.99 1.05 -21.55
N PRO B 254 -24.37 -0.11 -21.25
CA PRO B 254 -23.06 -0.63 -21.66
C PRO B 254 -22.89 -0.90 -23.15
N ALA C 1 -22.41 -15.17 2.34
CA ALA C 1 -22.50 -13.72 1.97
C ALA C 1 -21.13 -13.10 2.13
N THR C 2 -21.04 -11.83 1.77
CA THR C 2 -19.80 -11.09 1.89
C THR C 2 -19.91 -10.15 3.08
N VAL C 3 -19.22 -10.49 4.16
CA VAL C 3 -19.22 -9.63 5.33
C VAL C 3 -17.82 -9.05 5.41
N ALA C 4 -17.71 -7.82 5.94
CA ALA C 4 -16.41 -7.18 6.06
C ALA C 4 -15.65 -7.77 7.26
N ALA C 5 -14.32 -7.79 7.16
CA ALA C 5 -13.49 -8.29 8.24
C ALA C 5 -13.56 -7.32 9.41
N TYR C 6 -13.37 -7.85 10.62
CA TYR C 6 -13.39 -7.01 11.80
C TYR C 6 -12.30 -7.42 12.76
N ASN C 7 -12.09 -6.60 13.79
CA ASN C 7 -11.09 -6.84 14.82
C ASN C 7 -9.69 -7.08 14.24
N LEU C 8 -9.33 -6.25 13.26
CA LEU C 8 -8.02 -6.32 12.64
C LEU C 8 -7.01 -5.94 13.72
N THR C 9 -6.09 -6.87 13.99
CA THR C 9 -5.09 -6.72 15.04
C THR C 9 -3.70 -7.04 14.54
N TRP C 10 -2.73 -6.26 14.98
CA TRP C 10 -1.35 -6.46 14.61
C TRP C 10 -0.62 -7.30 15.66
N LYS C 11 -0.03 -8.41 15.25
CA LYS C 11 0.73 -9.26 16.16
C LYS C 11 2.19 -9.17 15.67
N SER C 12 3.02 -8.46 16.41
CA SER C 12 4.42 -8.22 16.05
C SER C 12 5.43 -8.38 17.18
N THR C 13 6.46 -9.20 16.94
CA THR C 13 7.54 -9.44 17.91
C THR C 13 8.85 -9.53 17.13
N ASN C 14 9.81 -8.66 17.46
CA ASN C 14 11.12 -8.60 16.80
C ASN C 14 10.96 -8.43 15.29
N PHE C 15 9.93 -7.65 14.95
CA PHE C 15 9.53 -7.31 13.60
C PHE C 15 8.81 -8.38 12.77
N LYS C 16 8.62 -9.58 13.34
CA LYS C 16 7.83 -10.62 12.67
C LYS C 16 6.44 -10.09 12.91
N THR C 17 5.80 -9.63 11.84
CA THR C 17 4.50 -8.98 11.92
C THR C 17 3.40 -9.66 11.12
N ILE C 18 2.39 -10.15 11.86
CA ILE C 18 1.23 -10.83 11.29
C ILE C 18 -0.04 -10.02 11.57
N LEU C 19 -0.83 -9.76 10.53
CA LEU C 19 -2.10 -9.07 10.71
C LEU C 19 -3.09 -10.22 10.90
N GLU C 20 -3.96 -10.09 11.90
CA GLU C 20 -4.97 -11.10 12.19
C GLU C 20 -6.31 -10.41 12.17
N TRP C 21 -7.36 -11.15 11.86
CA TRP C 21 -8.71 -10.61 11.82
C TRP C 21 -9.78 -11.68 12.01
N GLU C 22 -11.02 -11.21 12.04
CA GLU C 22 -12.22 -12.00 12.16
C GLU C 22 -13.04 -11.66 10.91
N PRO C 23 -13.93 -12.57 10.47
CA PRO C 23 -14.28 -13.88 11.04
C PRO C 23 -13.78 -14.99 10.14
N LYS C 24 -14.02 -16.25 10.55
CA LYS C 24 -13.63 -17.38 9.71
C LYS C 24 -14.53 -17.31 8.46
N PRO C 25 -13.95 -17.39 7.26
CA PRO C 25 -14.73 -17.32 6.02
C PRO C 25 -15.71 -18.45 5.70
N VAL C 26 -16.87 -18.02 5.18
CA VAL C 26 -17.93 -18.89 4.73
C VAL C 26 -18.27 -18.30 3.37
N ASN C 27 -17.96 -19.05 2.31
CA ASN C 27 -18.24 -18.63 0.92
C ASN C 27 -17.63 -17.26 0.54
N GLN C 28 -16.48 -16.95 1.14
CA GLN C 28 -15.74 -15.74 0.87
C GLN C 28 -14.25 -15.96 1.13
N VAL C 29 -13.41 -15.23 0.38
CA VAL C 29 -11.97 -15.32 0.52
C VAL C 29 -11.46 -13.91 0.82
N TYR C 30 -10.18 -13.78 1.15
CA TYR C 30 -9.59 -12.49 1.49
C TYR C 30 -8.30 -12.18 0.74
N THR C 31 -7.99 -10.89 0.63
CA THR C 31 -6.73 -10.43 0.09
C THR C 31 -6.42 -9.22 0.94
N VAL C 32 -5.16 -9.06 1.30
CA VAL C 32 -4.74 -7.94 2.13
C VAL C 32 -3.87 -6.94 1.38
N GLN C 33 -4.08 -5.66 1.63
CA GLN C 33 -3.23 -4.62 1.04
C GLN C 33 -2.51 -3.87 2.16
N ILE C 34 -1.31 -3.43 1.88
CA ILE C 34 -0.56 -2.67 2.86
C ILE C 34 0.10 -1.47 2.18
N SER C 35 0.18 -0.36 2.90
CA SER C 35 0.81 0.84 2.35
C SER C 35 1.33 1.77 3.43
N THR C 36 2.13 2.74 2.99
CA THR C 36 2.60 3.82 3.84
C THR C 36 1.67 4.95 3.41
N LYS C 37 1.52 5.97 4.25
CA LYS C 37 0.66 7.13 4.00
C LYS C 37 0.66 7.65 2.56
N SER C 38 1.84 7.76 1.95
CA SER C 38 1.92 8.26 0.59
C SER C 38 2.37 7.26 -0.46
N GLY C 39 2.47 6.00 -0.07
CA GLY C 39 2.91 5.00 -1.01
C GLY C 39 1.78 4.26 -1.68
N ASP C 40 2.14 3.46 -2.67
CA ASP C 40 1.17 2.64 -3.40
C ASP C 40 0.76 1.46 -2.52
N TRP C 41 -0.43 0.91 -2.77
CA TRP C 41 -0.92 -0.24 -2.03
C TRP C 41 -0.35 -1.54 -2.58
N LYS C 42 0.22 -2.36 -1.70
CA LYS C 42 0.80 -3.64 -2.09
C LYS C 42 -0.16 -4.74 -1.64
N SER C 43 -0.43 -5.71 -2.52
CA SER C 43 -1.28 -6.83 -2.14
C SER C 43 -0.48 -8.01 -1.57
N LYS C 44 -1.10 -8.76 -0.68
CA LYS C 44 -0.47 -9.90 -0.05
C LYS C 44 -1.55 -10.90 0.29
N CYS C 45 -1.15 -12.14 0.53
CA CYS C 45 -2.07 -13.21 0.97
C CYS C 45 -3.30 -13.31 0.08
N PHE C 46 -3.02 -13.42 -1.23
CA PHE C 46 -4.03 -13.43 -2.30
C PHE C 46 -5.08 -14.53 -2.21
N TYR C 47 -6.34 -14.10 -2.11
CA TYR C 47 -7.50 -15.01 -2.04
C TYR C 47 -7.31 -16.12 -1.01
N THR C 48 -6.82 -15.74 0.16
CA THR C 48 -6.59 -16.68 1.24
C THR C 48 -7.85 -16.96 2.05
N THR C 49 -7.92 -18.17 2.62
CA THR C 49 -9.01 -18.57 3.49
C THR C 49 -8.55 -18.40 4.95
N ASP C 50 -7.29 -18.00 5.11
CA ASP C 50 -6.68 -17.76 6.43
C ASP C 50 -7.32 -16.48 6.98
N THR C 51 -7.23 -16.30 8.30
CA THR C 51 -7.71 -15.09 8.93
C THR C 51 -6.49 -14.36 9.50
N GLU C 52 -5.36 -14.55 8.82
CA GLU C 52 -4.09 -13.94 9.20
C GLU C 52 -3.28 -13.70 7.94
N CYS C 53 -2.30 -12.81 8.02
CA CYS C 53 -1.46 -12.50 6.87
C CYS C 53 -0.13 -11.99 7.35
N ASP C 54 0.93 -12.70 6.99
CA ASP C 54 2.28 -12.28 7.35
C ASP C 54 2.65 -11.08 6.49
N LEU C 55 2.87 -9.94 7.13
CA LEU C 55 3.26 -8.72 6.46
C LEU C 55 4.71 -8.30 6.76
N THR C 56 5.47 -9.22 7.35
CA THR C 56 6.87 -8.99 7.72
C THR C 56 7.73 -8.38 6.64
N ASP C 57 7.76 -9.02 5.46
CA ASP C 57 8.59 -8.58 4.33
C ASP C 57 8.35 -7.18 3.80
N GLU C 58 7.16 -6.66 4.06
CA GLU C 58 6.80 -5.32 3.64
C GLU C 58 7.25 -4.28 4.68
N ILE C 59 6.99 -4.55 5.96
CA ILE C 59 7.35 -3.63 7.03
C ILE C 59 8.84 -3.53 7.32
N VAL C 60 9.60 -4.59 7.10
CA VAL C 60 11.03 -4.55 7.34
C VAL C 60 11.82 -3.76 6.29
N LYS C 61 11.15 -3.29 5.24
CA LYS C 61 11.79 -2.47 4.20
C LYS C 61 12.15 -1.12 4.87
N ASP C 62 11.27 -0.66 5.76
CA ASP C 62 11.45 0.58 6.52
C ASP C 62 10.66 0.45 7.83
N VAL C 63 11.35 0.00 8.88
CA VAL C 63 10.72 -0.18 10.18
C VAL C 63 10.24 1.09 10.88
N LYS C 64 10.73 2.24 10.46
CA LYS C 64 10.32 3.50 11.07
C LYS C 64 9.08 4.17 10.44
N GLN C 65 8.60 3.59 9.34
CA GLN C 65 7.41 4.09 8.64
C GLN C 65 6.16 3.65 9.35
N THR C 66 5.04 4.34 9.09
CA THR C 66 3.77 3.98 9.65
C THR C 66 2.96 3.35 8.53
N TYR C 67 2.50 2.13 8.76
CA TYR C 67 1.74 1.37 7.78
C TYR C 67 0.24 1.23 8.11
N LEU C 68 -0.57 1.09 7.07
CA LEU C 68 -2.00 0.90 7.20
C LEU C 68 -2.34 -0.27 6.28
N ALA C 69 -3.04 -1.25 6.82
CA ALA C 69 -3.45 -2.39 6.05
C ALA C 69 -4.97 -2.40 5.91
N ARG C 70 -5.46 -3.17 4.94
CA ARG C 70 -6.87 -3.34 4.72
C ARG C 70 -7.12 -4.76 4.20
N VAL C 71 -8.19 -5.35 4.67
CA VAL C 71 -8.54 -6.71 4.28
C VAL C 71 -9.76 -6.69 3.39
N PHE C 72 -9.60 -7.16 2.16
CA PHE C 72 -10.69 -7.22 1.19
C PHE C 72 -11.46 -8.54 1.33
N SER C 73 -12.79 -8.47 1.21
CA SER C 73 -13.64 -9.67 1.25
C SER C 73 -14.14 -9.84 -0.16
N TYR C 74 -13.97 -11.03 -0.71
CA TYR C 74 -14.43 -11.35 -2.06
C TYR C 74 -15.36 -12.54 -1.95
N PRO C 75 -16.41 -12.59 -2.79
CA PRO C 75 -17.34 -13.74 -2.74
C PRO C 75 -16.66 -14.92 -3.44
N ALA C 76 -16.95 -16.15 -3.00
CA ALA C 76 -16.34 -17.35 -3.58
C ALA C 76 -16.61 -17.58 -5.10
N GLY C 77 -15.65 -17.14 -5.90
CA GLY C 77 -15.72 -17.27 -7.36
C GLY C 77 -14.32 -16.93 -7.83
N ASN C 78 -13.83 -15.78 -7.35
CA ASN C 78 -12.48 -15.30 -7.63
C ASN C 78 -11.99 -14.43 -6.48
N GLY C 86 -17.93 -3.56 -8.89
CA GLY C 86 -17.62 -2.39 -8.04
C GLY C 86 -16.45 -2.71 -7.14
N GLU C 87 -16.25 -1.90 -6.11
CA GLU C 87 -15.15 -2.13 -5.17
C GLU C 87 -15.62 -3.09 -4.08
N PRO C 88 -14.72 -4.01 -3.65
CA PRO C 88 -15.05 -4.99 -2.62
C PRO C 88 -15.28 -4.42 -1.22
N LEU C 89 -15.90 -5.23 -0.37
CA LEU C 89 -16.14 -4.88 1.01
C LEU C 89 -14.78 -5.00 1.68
N TYR C 90 -14.43 -4.02 2.50
CA TYR C 90 -13.15 -4.05 3.20
C TYR C 90 -13.19 -3.32 4.53
N GLU C 91 -12.14 -3.53 5.30
CA GLU C 91 -11.94 -2.90 6.58
C GLU C 91 -10.47 -2.52 6.72
N ASN C 92 -10.23 -1.33 7.26
CA ASN C 92 -8.88 -0.81 7.51
C ASN C 92 -8.43 -1.30 8.87
N SER C 93 -7.13 -1.49 9.00
CA SER C 93 -6.54 -1.90 10.25
C SER C 93 -6.10 -0.66 10.98
N PRO C 94 -5.63 -0.81 12.22
CA PRO C 94 -5.20 0.44 12.88
C PRO C 94 -3.79 0.72 12.29
N GLU C 95 -3.30 1.94 12.44
CA GLU C 95 -1.97 2.25 11.92
C GLU C 95 -0.95 1.44 12.71
N PHE C 96 0.22 1.24 12.12
CA PHE C 96 1.27 0.46 12.77
C PHE C 96 2.66 0.94 12.37
N THR C 97 3.42 1.40 13.36
CA THR C 97 4.78 1.88 13.15
C THR C 97 5.65 0.85 13.87
N PRO C 98 6.25 -0.07 13.10
CA PRO C 98 7.09 -1.14 13.64
C PRO C 98 8.10 -0.77 14.73
N TYR C 99 8.97 0.20 14.44
CA TYR C 99 10.01 0.61 15.39
C TYR C 99 9.47 1.00 16.77
N LEU C 100 8.27 1.58 16.77
CA LEU C 100 7.64 2.02 18.00
C LEU C 100 6.73 1.02 18.69
N GLU C 101 6.19 0.08 17.93
CA GLU C 101 5.22 -0.87 18.48
C GLU C 101 5.54 -2.34 18.56
N THR C 102 6.56 -2.81 17.84
CA THR C 102 6.87 -4.24 17.87
C THR C 102 7.29 -4.71 19.27
N ASN C 103 6.84 -5.89 19.69
CA ASN C 103 7.24 -6.39 21.01
C ASN C 103 8.71 -6.78 20.94
N LEU C 104 9.43 -6.53 22.02
CA LEU C 104 10.84 -6.91 22.10
C LEU C 104 10.80 -8.35 22.55
N GLY C 105 11.53 -9.21 21.84
CA GLY C 105 11.52 -10.62 22.16
C GLY C 105 12.15 -11.00 23.49
N GLN C 106 11.84 -12.22 23.96
CA GLN C 106 12.39 -12.74 25.21
C GLN C 106 13.89 -12.94 25.03
N PRO C 107 14.71 -12.30 25.88
CA PRO C 107 16.16 -12.44 25.76
C PRO C 107 16.64 -13.78 26.29
N THR C 108 17.93 -14.03 26.09
CA THR C 108 18.58 -15.25 26.56
C THR C 108 19.98 -14.91 27.07
N ILE C 109 20.28 -15.34 28.29
CA ILE C 109 21.60 -15.14 28.85
C ILE C 109 22.52 -16.13 28.16
N GLN C 110 23.50 -15.61 27.46
CA GLN C 110 24.46 -16.40 26.72
C GLN C 110 25.49 -17.02 27.65
N SER C 111 25.97 -16.23 28.60
CA SER C 111 26.99 -16.70 29.55
C SER C 111 27.16 -15.79 30.74
N PHE C 112 27.81 -16.31 31.76
CA PHE C 112 28.15 -15.54 32.94
C PHE C 112 29.55 -16.00 33.24
N GLU C 113 30.45 -15.05 33.44
CA GLU C 113 31.84 -15.38 33.72
C GLU C 113 32.34 -14.63 34.93
N GLN C 114 32.98 -15.34 35.85
CA GLN C 114 33.53 -14.72 37.03
C GLN C 114 34.98 -14.32 36.73
N VAL C 115 35.20 -13.02 36.62
CA VAL C 115 36.52 -12.49 36.34
C VAL C 115 37.05 -11.83 37.61
N GLY C 116 37.06 -12.62 38.68
CA GLY C 116 37.52 -12.14 39.98
C GLY C 116 36.41 -12.00 41.01
N THR C 117 36.36 -10.83 41.63
CA THR C 117 35.33 -10.53 42.60
C THR C 117 34.13 -9.91 41.87
N LYS C 118 34.16 -10.02 40.54
CA LYS C 118 33.11 -9.51 39.67
C LYS C 118 32.66 -10.55 38.66
N VAL C 119 31.44 -10.40 38.19
CA VAL C 119 30.90 -11.31 37.22
C VAL C 119 30.43 -10.55 35.99
N ASN C 120 30.75 -11.08 34.82
CA ASN C 120 30.34 -10.52 33.56
C ASN C 120 29.20 -11.39 33.03
N VAL C 121 28.04 -10.77 32.83
CA VAL C 121 26.88 -11.47 32.32
C VAL C 121 26.64 -10.99 30.89
N THR C 122 26.66 -11.92 29.95
CA THR C 122 26.47 -11.57 28.54
C THR C 122 25.11 -12.02 28.03
N VAL C 123 24.43 -11.09 27.37
CA VAL C 123 23.14 -11.33 26.78
C VAL C 123 23.38 -11.74 25.31
N GLU C 124 22.68 -12.78 24.86
CA GLU C 124 22.79 -13.26 23.48
C GLU C 124 22.16 -12.20 22.58
N ASP C 125 22.79 -11.92 21.43
CA ASP C 125 22.25 -10.95 20.49
C ASP C 125 20.86 -11.44 20.08
N GLU C 126 19.85 -10.58 20.22
CA GLU C 126 18.50 -10.98 19.83
C GLU C 126 18.27 -10.71 18.35
N ARG C 127 18.15 -11.75 17.54
CA ARG C 127 17.89 -11.48 16.13
C ARG C 127 16.45 -11.14 15.77
N THR C 128 16.34 -10.26 14.79
CA THR C 128 15.06 -9.75 14.34
C THR C 128 14.83 -10.21 12.90
N LEU C 129 13.68 -9.83 12.35
CA LEU C 129 13.33 -10.20 11.00
C LEU C 129 13.86 -9.26 9.93
N VAL C 130 14.55 -8.19 10.36
CA VAL C 130 15.13 -7.25 9.40
C VAL C 130 16.42 -7.88 8.86
N ARG C 131 16.54 -8.03 7.54
CA ARG C 131 17.76 -8.64 7.00
C ARG C 131 18.74 -7.67 6.31
N ARG C 132 19.99 -8.08 6.12
CA ARG C 132 20.99 -7.25 5.46
C ARG C 132 21.93 -8.02 4.54
N ASN C 133 23.11 -8.44 5.00
CA ASN C 133 24.03 -9.18 4.13
C ASN C 133 23.62 -10.66 4.10
N ASN C 134 22.36 -10.93 3.74
CA ASN C 134 21.82 -12.31 3.73
C ASN C 134 21.79 -12.77 5.22
N THR C 135 21.90 -11.79 6.10
CA THR C 135 21.94 -12.01 7.53
C THR C 135 20.77 -11.30 8.20
N PHE C 136 20.40 -11.74 9.41
CA PHE C 136 19.32 -11.12 10.19
C PHE C 136 19.98 -10.18 11.19
N LEU C 137 19.45 -8.96 11.27
CA LEU C 137 19.95 -7.95 12.21
C LEU C 137 19.48 -8.26 13.63
N SER C 138 20.31 -7.92 14.61
CA SER C 138 19.98 -8.09 16.03
C SER C 138 19.14 -6.89 16.46
N LEU C 139 18.61 -6.93 17.67
CA LEU C 139 17.83 -5.81 18.18
C LEU C 139 18.70 -4.56 18.34
N ARG C 140 19.96 -4.75 18.71
CA ARG C 140 20.87 -3.62 18.88
C ARG C 140 21.22 -2.96 17.54
N ASP C 141 21.34 -3.78 16.49
CA ASP C 141 21.64 -3.28 15.15
C ASP C 141 20.53 -2.32 14.71
N VAL C 142 19.29 -2.69 15.01
CA VAL C 142 18.15 -1.89 14.65
C VAL C 142 17.92 -0.70 15.54
N PHE C 143 17.93 -0.95 16.85
CA PHE C 143 17.64 0.09 17.83
C PHE C 143 18.77 1.00 18.29
N GLY C 144 19.98 0.47 18.29
CA GLY C 144 21.12 1.28 18.71
C GLY C 144 21.00 1.71 20.16
N LYS C 145 21.20 3.01 20.40
CA LYS C 145 21.16 3.60 21.75
C LYS C 145 19.76 3.58 22.36
N ASP C 146 18.77 3.30 21.52
CA ASP C 146 17.39 3.21 21.99
C ASP C 146 17.16 1.94 22.79
N LEU C 147 18.00 0.94 22.60
CA LEU C 147 17.90 -0.32 23.33
C LEU C 147 18.89 -0.50 24.47
N ILE C 148 18.38 -0.85 25.65
CA ILE C 148 19.21 -1.16 26.79
C ILE C 148 18.77 -2.54 27.30
N TYR C 149 19.65 -3.19 28.06
CA TYR C 149 19.30 -4.46 28.67
C TYR C 149 19.35 -4.22 30.17
N THR C 150 18.44 -4.86 30.90
CA THR C 150 18.35 -4.74 32.34
C THR C 150 18.55 -6.13 32.97
N LEU C 151 19.32 -6.18 34.06
CA LEU C 151 19.59 -7.42 34.77
C LEU C 151 19.05 -7.39 36.19
N TYR C 152 18.45 -8.51 36.57
CA TYR C 152 17.91 -8.77 37.90
C TYR C 152 18.83 -9.85 38.41
N TYR C 153 19.53 -9.57 39.50
CA TYR C 153 20.43 -10.54 40.08
C TYR C 153 20.24 -10.62 41.58
N TRP C 154 20.46 -11.81 42.13
CA TRP C 154 20.31 -12.08 43.55
C TRP C 154 21.24 -13.22 43.91
N LYS C 162 21.10 -6.16 43.14
CA LYS C 162 19.68 -6.42 42.71
C LYS C 162 19.42 -6.12 41.25
N THR C 163 19.71 -4.90 40.81
CA THR C 163 19.47 -4.48 39.42
C THR C 163 20.67 -3.78 38.81
N ALA C 164 20.89 -4.03 37.52
CA ALA C 164 21.97 -3.42 36.75
C ALA C 164 21.44 -3.15 35.33
N LYS C 165 21.99 -2.13 34.66
CA LYS C 165 21.56 -1.79 33.33
C LYS C 165 22.73 -1.51 32.41
N THR C 166 22.60 -1.92 31.15
CA THR C 166 23.68 -1.70 30.20
C THR C 166 23.25 -1.18 28.83
N ASN C 167 24.17 -0.45 28.19
CA ASN C 167 23.97 0.12 26.85
C ASN C 167 24.50 -0.84 25.79
N THR C 168 25.08 -1.94 26.24
CA THR C 168 25.61 -2.97 25.34
C THR C 168 24.83 -4.26 25.65
N ASN C 169 25.45 -5.42 25.47
CA ASN C 169 24.81 -6.67 25.81
C ASN C 169 25.58 -7.33 26.95
N GLU C 170 26.31 -6.55 27.72
CA GLU C 170 27.10 -7.07 28.83
C GLU C 170 26.97 -6.31 30.14
N PHE C 171 27.00 -7.06 31.24
CA PHE C 171 26.90 -6.51 32.59
C PHE C 171 28.16 -6.93 33.32
N LEU C 172 28.73 -6.02 34.13
CA LEU C 172 29.92 -6.28 34.95
C LEU C 172 29.46 -5.85 36.33
N ILE C 173 29.08 -6.84 37.12
CA ILE C 173 28.57 -6.60 38.45
C ILE C 173 29.52 -7.07 39.54
N ASP C 174 29.44 -6.44 40.70
CA ASP C 174 30.26 -6.80 41.85
C ASP C 174 29.54 -7.93 42.61
N VAL C 175 30.26 -9.02 42.88
CA VAL C 175 29.68 -10.13 43.60
C VAL C 175 30.44 -10.44 44.90
N ASP C 176 29.71 -10.94 45.89
CA ASP C 176 30.30 -11.27 47.19
C ASP C 176 31.04 -12.58 47.12
N LYS C 177 32.27 -12.56 47.60
CA LYS C 177 33.19 -13.68 47.61
C LYS C 177 32.57 -15.07 47.84
N GLY C 178 32.78 -15.95 46.85
CA GLY C 178 32.30 -17.33 46.91
C GLY C 178 30.83 -17.66 46.76
N GLU C 179 29.96 -16.66 46.86
CA GLU C 179 28.51 -16.86 46.76
C GLU C 179 27.93 -17.10 45.37
N ASN C 180 26.92 -17.96 45.31
CA ASN C 180 26.24 -18.29 44.05
C ASN C 180 25.11 -17.30 43.81
N TYR C 181 25.12 -16.73 42.61
CA TYR C 181 24.11 -15.75 42.20
C TYR C 181 23.26 -16.25 41.04
N CYS C 182 22.02 -15.78 40.99
CA CYS C 182 21.11 -16.09 39.90
C CYS C 182 20.87 -14.82 39.11
N PHE C 183 20.54 -14.97 37.84
CA PHE C 183 20.35 -13.81 36.97
C PHE C 183 19.13 -13.94 36.06
N SER C 184 18.65 -12.79 35.55
CA SER C 184 17.53 -12.73 34.60
C SER C 184 17.56 -11.38 33.91
N VAL C 185 17.44 -11.35 32.58
CA VAL C 185 17.47 -10.08 31.84
C VAL C 185 16.20 -9.70 31.07
N GLN C 186 16.12 -8.42 30.72
CA GLN C 186 15.00 -7.88 29.97
C GLN C 186 15.49 -6.87 28.96
N ALA C 187 14.88 -6.86 27.77
CA ALA C 187 15.18 -5.87 26.73
C ALA C 187 14.25 -4.72 27.04
N VAL C 188 14.77 -3.50 26.98
CA VAL C 188 13.99 -2.32 27.28
C VAL C 188 14.30 -1.20 26.31
N ILE C 189 13.26 -0.48 25.87
CA ILE C 189 13.44 0.71 25.00
C ILE C 189 12.87 1.75 25.94
N PRO C 190 13.73 2.42 26.74
CA PRO C 190 13.31 3.43 27.71
C PRO C 190 12.42 4.57 27.21
N SER C 191 12.59 4.98 25.97
CA SER C 191 11.81 6.07 25.37
C SER C 191 10.34 5.76 25.08
N ARG C 192 9.98 4.48 25.11
CA ARG C 192 8.58 4.08 24.90
C ARG C 192 7.83 4.28 26.20
N THR C 193 6.53 4.55 26.11
CA THR C 193 5.70 4.71 27.30
C THR C 193 4.92 3.42 27.44
N VAL C 194 4.58 2.86 26.30
CA VAL C 194 3.83 1.62 26.22
C VAL C 194 4.72 0.56 25.56
N ASN C 195 4.55 -0.69 25.98
CA ASN C 195 5.33 -1.81 25.45
C ASN C 195 6.83 -1.59 25.54
N ARG C 196 7.29 -0.96 26.61
CA ARG C 196 8.71 -0.69 26.74
C ARG C 196 9.63 -1.86 27.13
N LYS C 197 9.08 -2.92 27.68
CA LYS C 197 9.88 -4.08 28.07
C LYS C 197 9.51 -5.44 27.47
N SER C 198 10.51 -6.30 27.28
CA SER C 198 10.26 -7.64 26.79
C SER C 198 9.91 -8.50 28.01
N THR C 199 9.62 -9.78 27.79
CA THR C 199 9.37 -10.67 28.92
C THR C 199 10.74 -11.01 29.49
N ASP C 200 10.76 -11.49 30.74
CA ASP C 200 12.01 -11.84 31.41
C ASP C 200 12.63 -13.06 30.74
N SER C 201 13.95 -13.10 30.72
CA SER C 201 14.67 -14.24 30.15
C SER C 201 14.67 -15.36 31.16
N PRO C 202 14.99 -16.58 30.73
CA PRO C 202 15.00 -17.67 31.70
C PRO C 202 16.09 -17.37 32.77
N VAL C 203 15.80 -17.71 34.02
CA VAL C 203 16.75 -17.49 35.09
C VAL C 203 17.92 -18.47 34.98
N GLU C 204 19.14 -17.96 35.08
CA GLU C 204 20.36 -18.80 35.03
C GLU C 204 21.15 -18.53 36.30
N CYS C 205 21.64 -19.58 36.93
CA CYS C 205 22.42 -19.43 38.17
C CYS C 205 23.80 -20.04 38.10
N MET C 206 24.67 -19.57 38.99
CA MET C 206 26.04 -20.04 39.10
C MET C 206 26.01 -21.40 39.82
C1 GLC D . 3.37 -26.44 17.77
C2 GLC D . 3.25 -24.95 18.13
C3 GLC D . 1.85 -24.48 17.62
C4 GLC D . 1.76 -24.69 16.09
C5 GLC D . 1.99 -26.19 15.80
C6 GLC D . 2.09 -26.48 14.28
O2 GLC D . 3.37 -24.78 19.54
O3 GLC D . 1.64 -23.10 17.91
O4 GLC D . 0.49 -24.29 15.55
O5 GLC D . 3.23 -26.62 16.37
O6 GLC D . 2.68 -27.77 13.93
C1 FUC E . 18.49 -20.23 11.01
C2 FUC E . 19.14 -21.45 10.25
C3 FUC E . 18.19 -22.00 9.18
C4 FUC E . 17.84 -20.84 8.20
C5 FUC E . 17.14 -19.72 9.05
C6 FUC E . 16.71 -18.55 8.17
O2 FUC E . 19.50 -22.48 11.20
O3 FUC E . 18.84 -23.10 8.48
O4 FUC E . 19.05 -20.28 7.62
O5 FUC E . 18.04 -19.20 10.10
MG MG F . 7.68 -26.19 50.83
CA CA G . 8.43 -29.68 47.95
CA CA H . 13.43 -28.39 48.04
MG MG I . 13.16 -31.88 44.58
CA CA J . 14.16 -34.78 42.80
CA CA K . 18.85 -36.49 41.63
MG MG L . 23.41 -30.98 36.19
CA CA M . 8.04 -20.78 25.50
CA CA N . -0.92 29.57 -26.54
NA NA O . -10.45 19.96 0.62
ZN ZN P . -4.13 28.08 -31.58
ZN ZN Q . 2.93 23.31 -25.94
CL CL R . -18.14 22.89 -7.83
CL CL S . -10.12 19.90 -38.72
C1 BEN T . -14.72 19.93 -9.27
C2 BEN T . -15.76 20.88 -9.19
C3 BEN T . -16.51 21.23 -10.30
C4 BEN T . -16.27 20.64 -11.54
C5 BEN T . -15.27 19.69 -11.68
C6 BEN T . -14.49 19.32 -10.55
C BEN T . -13.93 19.58 -8.13
N1 BEN T . -14.15 20.15 -6.94
N2 BEN T . -12.98 18.66 -8.27
CL CL U . 20.76 -7.54 20.66
#